data_1X8J
#
_entry.id   1X8J
#
_cell.length_a   81.767
_cell.length_b   66.762
_cell.length_c   84.503
_cell.angle_alpha   90.00
_cell.angle_beta   111.17
_cell.angle_gamma   90.00
#
_symmetry.space_group_name_H-M   'P 1 21 1'
#
loop_
_entity.id
_entity.type
_entity.pdbx_description
1 polymer 'retinol dehydratase'
2 non-polymer 'CALCIUM ION'
3 non-polymer "ADENOSINE-3'-5'-DIPHOSPHATE"
4 non-polymer Androsterone
5 water water
#
_entity_poly.entity_id   1
_entity_poly.type   'polypeptide(L)'
_entity_poly.pdbx_seq_one_letter_code
;MEKQQDLPFPYEFRELNPEEDKLVKANLGAFPTTYVKLGPKGYMVYRPYLKDAANIYNMPLRPTDVFVASYQRSGTTMTQ
ELVWLIENDLNFEAAKTYMSLRYIYLDGFMIYDPEKQEEYNDILPNPENLDMERYLGLLEYSSRPGSSLLAAVPPTEKRF
VKTHLPLSLMPPNMLDTVKMVYLARDPRDVAVSSFHHARLLYLLNKQSNFKDFWEMFHRGLYTLTPYFEHVKEAWAKRHD
PNMLFLFYEDYLKDLPGSIARIADFLGKKLSEEQIQRLSEHLNFEKFKNNGAVNMEDYREIGILADGEHFIRKGKAGCWR
DYFDEEMTKQAEKWIKDNLKDTDLRYPNMEL
;
_entity_poly.pdbx_strand_id   A,B
#
loop_
_chem_comp.id
_chem_comp.type
_chem_comp.name
_chem_comp.formula
A3P RNA linking ADENOSINE-3'-5'-DIPHOSPHATE 'C10 H15 N5 O10 P2'
AOI non-polymer Androsterone 'C19 H30 O2'
CA non-polymer 'CALCIUM ION' 'Ca 2'
#
# COMPACT_ATOMS: atom_id res chain seq x y z
N LEU A 7 21.20 -35.40 3.68
CA LEU A 7 21.44 -34.00 4.17
C LEU A 7 20.12 -33.26 4.35
N PRO A 8 19.89 -32.70 5.54
CA PRO A 8 18.64 -31.97 5.81
C PRO A 8 18.68 -30.51 5.37
N PHE A 9 17.50 -29.95 5.10
CA PHE A 9 17.37 -28.55 4.69
C PHE A 9 17.65 -27.66 5.91
N PRO A 10 18.77 -26.93 5.88
CA PRO A 10 19.18 -26.03 6.97
C PRO A 10 18.51 -24.68 7.05
N TYR A 11 17.38 -24.50 6.36
CA TYR A 11 16.74 -23.19 6.39
C TYR A 11 15.31 -23.15 6.91
N GLU A 12 15.00 -22.07 7.60
CA GLU A 12 13.67 -21.84 8.13
C GLU A 12 13.06 -20.77 7.22
N PHE A 13 11.74 -20.72 7.13
CA PHE A 13 11.13 -19.69 6.33
C PHE A 13 10.38 -18.78 7.29
N ARG A 14 9.96 -17.62 6.79
CA ARG A 14 9.28 -16.65 7.63
C ARG A 14 8.26 -15.88 6.81
N GLU A 15 7.12 -15.57 7.42
CA GLU A 15 6.08 -14.82 6.73
C GLU A 15 6.51 -13.37 6.62
N LEU A 16 5.89 -12.65 5.70
CA LEU A 16 6.19 -11.25 5.53
C LEU A 16 5.58 -10.54 6.73
N ASN A 17 6.26 -9.53 7.26
CA ASN A 17 5.70 -8.81 8.39
C ASN A 17 4.65 -7.87 7.84
N PRO A 18 3.86 -7.24 8.73
CA PRO A 18 2.82 -6.32 8.27
C PRO A 18 3.23 -5.27 7.24
N GLU A 19 4.34 -4.58 7.48
CA GLU A 19 4.78 -3.55 6.53
C GLU A 19 5.13 -4.14 5.17
N GLU A 20 5.94 -5.19 5.18
CA GLU A 20 6.36 -5.85 3.96
C GLU A 20 5.17 -6.37 3.19
N ASP A 21 4.23 -6.96 3.92
CA ASP A 21 3.02 -7.53 3.30
C ASP A 21 2.13 -6.47 2.67
N LYS A 22 2.14 -5.26 3.22
CA LYS A 22 1.33 -4.17 2.71
C LYS A 22 1.85 -3.73 1.34
N LEU A 23 3.16 -3.54 1.25
CA LEU A 23 3.80 -3.10 0.02
C LEU A 23 3.60 -4.13 -1.08
N VAL A 24 3.93 -5.38 -0.79
CA VAL A 24 3.80 -6.48 -1.75
C VAL A 24 2.36 -6.60 -2.28
N LYS A 25 1.41 -6.71 -1.35
CA LYS A 25 0.00 -6.84 -1.71
C LYS A 25 -0.46 -5.68 -2.60
N ALA A 26 -0.01 -4.47 -2.27
CA ALA A 26 -0.40 -3.29 -3.05
C ALA A 26 0.03 -3.36 -4.50
N ASN A 27 1.03 -4.17 -4.80
CA ASN A 27 1.52 -4.28 -6.17
C ASN A 27 1.35 -5.65 -6.81
N LEU A 28 1.26 -6.70 -6.00
CA LEU A 28 1.13 -8.06 -6.51
C LEU A 28 -0.05 -8.83 -5.93
N GLY A 29 -0.82 -8.17 -5.07
CA GLY A 29 -1.96 -8.82 -4.43
C GLY A 29 -2.94 -9.54 -5.34
N ALA A 30 -3.19 -8.99 -6.53
CA ALA A 30 -4.15 -9.60 -7.45
C ALA A 30 -3.68 -10.97 -7.93
N PHE A 31 -2.37 -11.16 -7.98
CA PHE A 31 -1.86 -12.46 -8.39
C PHE A 31 -2.09 -13.44 -7.24
N PRO A 32 -2.63 -14.63 -7.54
CA PRO A 32 -2.93 -15.67 -6.54
C PRO A 32 -1.78 -16.11 -5.64
N THR A 33 -0.62 -16.38 -6.23
CA THR A 33 0.52 -16.86 -5.44
C THR A 33 1.11 -15.86 -4.46
N THR A 34 1.41 -16.34 -3.25
CA THR A 34 1.99 -15.49 -2.22
C THR A 34 3.45 -15.86 -1.97
N TYR A 35 4.13 -15.03 -1.19
CA TYR A 35 5.54 -15.24 -0.86
C TYR A 35 5.83 -15.55 0.62
N VAL A 36 7.07 -15.92 0.88
CA VAL A 36 7.61 -16.16 2.21
C VAL A 36 9.10 -15.86 2.02
N LYS A 37 9.81 -15.51 3.08
CA LYS A 37 11.24 -15.25 2.97
C LYS A 37 11.95 -16.48 3.43
N LEU A 38 12.96 -16.89 2.69
CA LEU A 38 13.68 -18.11 3.01
C LEU A 38 15.15 -17.87 3.37
N GLY A 39 15.61 -18.58 4.39
CA GLY A 39 16.99 -18.46 4.81
C GLY A 39 17.32 -17.18 5.53
N PRO A 40 18.55 -17.08 6.04
CA PRO A 40 19.07 -15.92 6.78
C PRO A 40 19.15 -14.65 5.93
N LYS A 41 19.30 -14.82 4.62
CA LYS A 41 19.38 -13.66 3.73
C LYS A 41 17.98 -13.18 3.36
N GLY A 42 16.97 -14.02 3.61
CA GLY A 42 15.59 -13.66 3.34
C GLY A 42 15.16 -13.66 1.88
N TYR A 43 15.68 -14.59 1.09
CA TYR A 43 15.33 -14.67 -0.32
C TYR A 43 13.83 -14.87 -0.48
N MET A 44 13.21 -14.00 -1.29
CA MET A 44 11.77 -14.04 -1.57
C MET A 44 11.45 -15.20 -2.51
N VAL A 45 10.65 -16.15 -2.04
CA VAL A 45 10.25 -17.28 -2.88
C VAL A 45 8.74 -17.44 -2.85
N TYR A 46 8.17 -17.88 -3.96
CA TYR A 46 6.74 -18.11 -4.00
C TYR A 46 6.46 -19.28 -3.08
N ARG A 47 5.45 -19.15 -2.23
CA ARG A 47 5.08 -20.18 -1.26
C ARG A 47 5.26 -21.62 -1.74
N PRO A 48 4.73 -21.95 -2.93
CA PRO A 48 4.87 -23.32 -3.44
C PRO A 48 6.29 -23.86 -3.51
N TYR A 49 7.29 -22.97 -3.47
CA TYR A 49 8.68 -23.43 -3.54
C TYR A 49 9.06 -24.33 -2.36
N LEU A 50 8.45 -24.08 -1.21
CA LEU A 50 8.75 -24.86 -0.01
C LEU A 50 8.57 -26.37 -0.14
N LYS A 51 7.58 -26.80 -0.91
CA LYS A 51 7.35 -28.23 -1.08
C LYS A 51 8.51 -28.98 -1.75
N ASP A 52 9.31 -28.28 -2.55
CA ASP A 52 10.42 -28.94 -3.24
C ASP A 52 11.79 -28.42 -2.81
N ALA A 53 11.80 -27.52 -1.83
CA ALA A 53 13.04 -26.90 -1.35
C ALA A 53 14.13 -27.88 -0.89
N ALA A 54 13.74 -28.84 -0.05
CA ALA A 54 14.70 -29.81 0.45
C ALA A 54 15.23 -30.68 -0.69
N ASN A 55 14.36 -31.10 -1.59
CA ASN A 55 14.80 -31.93 -2.71
C ASN A 55 15.82 -31.19 -3.59
N ILE A 56 15.56 -29.92 -3.87
CA ILE A 56 16.48 -29.13 -4.69
C ILE A 56 17.82 -28.99 -3.98
N TYR A 57 17.78 -28.67 -2.70
CA TYR A 57 19.00 -28.52 -1.91
C TYR A 57 19.83 -29.82 -2.00
N ASN A 58 19.13 -30.96 -2.09
CA ASN A 58 19.77 -32.28 -2.15
C ASN A 58 19.68 -33.00 -3.49
N MET A 59 19.33 -32.29 -4.55
CA MET A 59 19.20 -32.94 -5.86
C MET A 59 20.50 -33.59 -6.35
N PRO A 60 20.41 -34.84 -6.84
CA PRO A 60 21.61 -35.53 -7.32
C PRO A 60 22.13 -34.85 -8.58
N LEU A 61 23.43 -34.57 -8.62
CA LEU A 61 24.01 -33.93 -9.80
C LEU A 61 24.86 -34.87 -10.63
N ARG A 62 25.07 -34.54 -11.89
CA ARG A 62 25.84 -35.38 -12.81
C ARG A 62 26.95 -34.56 -13.44
N PRO A 63 28.14 -35.15 -13.58
CA PRO A 63 29.29 -34.46 -14.17
C PRO A 63 29.02 -33.79 -15.53
N THR A 64 27.97 -34.24 -16.21
CA THR A 64 27.65 -33.69 -17.51
C THR A 64 26.64 -32.52 -17.45
N ASP A 65 26.01 -32.33 -16.31
CA ASP A 65 25.04 -31.25 -16.15
C ASP A 65 25.63 -29.86 -16.42
N VAL A 66 24.82 -28.98 -16.99
CA VAL A 66 25.27 -27.61 -17.26
C VAL A 66 24.14 -26.70 -16.81
N PHE A 67 24.48 -25.72 -15.98
CA PHE A 67 23.51 -24.78 -15.44
C PHE A 67 23.68 -23.37 -15.98
N VAL A 68 22.56 -22.71 -16.26
CA VAL A 68 22.57 -21.32 -16.68
C VAL A 68 21.76 -20.64 -15.57
N ALA A 69 22.46 -19.93 -14.70
CA ALA A 69 21.86 -19.26 -13.54
C ALA A 69 21.92 -17.76 -13.68
N SER A 70 21.10 -17.08 -12.87
CA SER A 70 21.04 -15.63 -12.92
C SER A 70 19.83 -15.15 -12.16
N TYR A 71 19.86 -13.86 -11.83
CA TYR A 71 18.68 -13.26 -11.24
C TYR A 71 17.94 -12.93 -12.56
N GLN A 72 16.65 -13.24 -12.62
CA GLN A 72 15.84 -13.03 -13.82
C GLN A 72 16.04 -11.74 -14.61
N ARG A 73 15.90 -11.84 -15.93
CA ARG A 73 16.03 -10.72 -16.86
C ARG A 73 17.45 -10.17 -16.94
N SER A 74 18.43 -11.05 -16.80
CA SER A 74 19.83 -10.64 -16.85
C SER A 74 20.58 -11.21 -18.03
N GLY A 75 19.87 -11.89 -18.94
CA GLY A 75 20.54 -12.45 -20.10
C GLY A 75 20.51 -13.97 -20.13
N THR A 76 19.63 -14.55 -19.33
CA THR A 76 19.48 -16.01 -19.26
C THR A 76 19.22 -16.67 -20.61
N THR A 77 18.12 -16.26 -21.26
CA THR A 77 17.72 -16.83 -22.55
C THR A 77 18.82 -16.83 -23.61
N MET A 78 19.50 -15.70 -23.78
CA MET A 78 20.61 -15.61 -24.74
C MET A 78 21.65 -16.66 -24.42
N THR A 79 22.04 -16.68 -23.16
CA THR A 79 23.06 -17.60 -22.69
C THR A 79 22.65 -19.07 -22.93
N GLN A 80 21.38 -19.38 -22.67
CA GLN A 80 20.89 -20.75 -22.88
C GLN A 80 21.09 -21.20 -24.32
N GLU A 81 20.74 -20.32 -25.27
CA GLU A 81 20.86 -20.62 -26.69
C GLU A 81 22.32 -20.85 -27.06
N LEU A 82 23.20 -19.97 -26.59
CA LEU A 82 24.63 -20.11 -26.88
C LEU A 82 25.20 -21.40 -26.29
N VAL A 83 24.95 -21.62 -25.00
CA VAL A 83 25.44 -22.81 -24.33
C VAL A 83 24.94 -24.09 -25.00
N TRP A 84 23.69 -24.09 -25.45
CA TRP A 84 23.11 -25.27 -26.07
C TRP A 84 23.73 -25.57 -27.43
N LEU A 85 23.86 -24.55 -28.27
CA LEU A 85 24.44 -24.72 -29.58
C LEU A 85 25.89 -25.19 -29.50
N ILE A 86 26.67 -24.57 -28.61
CA ILE A 86 28.07 -24.94 -28.43
C ILE A 86 28.25 -26.38 -27.98
N GLU A 87 27.47 -26.81 -26.99
CA GLU A 87 27.57 -28.20 -26.52
C GLU A 87 27.08 -29.18 -27.60
N ASN A 88 26.17 -28.72 -28.46
CA ASN A 88 25.63 -29.57 -29.51
C ASN A 88 26.23 -29.29 -30.89
N ASP A 89 27.54 -29.03 -30.92
CA ASP A 89 28.29 -28.78 -32.16
C ASP A 89 27.61 -27.86 -33.16
N LEU A 90 27.17 -26.70 -32.70
CA LEU A 90 26.53 -25.72 -33.55
C LEU A 90 25.49 -26.30 -34.49
N ASN A 91 24.73 -27.27 -33.99
CA ASN A 91 23.67 -27.87 -34.82
C ASN A 91 22.44 -26.98 -34.75
N PHE A 92 22.49 -25.84 -35.43
CA PHE A 92 21.38 -24.90 -35.43
C PHE A 92 20.04 -25.56 -35.75
N GLU A 93 20.07 -26.59 -36.58
CA GLU A 93 18.84 -27.27 -36.96
C GLU A 93 18.15 -27.91 -35.76
N ALA A 94 18.92 -28.60 -34.93
CA ALA A 94 18.36 -29.27 -33.76
C ALA A 94 17.94 -28.28 -32.68
N ALA A 95 18.47 -27.06 -32.76
CA ALA A 95 18.15 -26.02 -31.78
C ALA A 95 16.84 -25.31 -32.09
N LYS A 96 16.17 -25.71 -33.16
CA LYS A 96 14.91 -25.10 -33.56
C LYS A 96 13.73 -25.53 -32.68
N THR A 97 13.98 -26.49 -31.79
CA THR A 97 12.94 -26.94 -30.86
C THR A 97 12.83 -25.89 -29.74
N TYR A 98 11.69 -25.88 -29.05
CA TYR A 98 11.47 -24.93 -27.97
C TYR A 98 12.55 -24.99 -26.89
N MET A 99 12.99 -23.81 -26.44
CA MET A 99 14.01 -23.70 -25.40
C MET A 99 13.51 -24.40 -24.14
N SER A 100 12.19 -24.35 -23.94
CA SER A 100 11.56 -24.95 -22.78
C SER A 100 11.64 -26.48 -22.81
N LEU A 101 11.85 -27.04 -24.00
CA LEU A 101 11.96 -28.48 -24.15
C LEU A 101 13.44 -28.86 -24.07
N ARG A 102 14.31 -27.90 -24.34
CA ARG A 102 15.75 -28.15 -24.30
C ARG A 102 16.37 -27.94 -22.93
N TYR A 103 15.69 -27.17 -22.08
CA TYR A 103 16.19 -26.90 -20.73
C TYR A 103 15.10 -27.18 -19.72
N ILE A 104 15.51 -27.54 -18.52
CA ILE A 104 14.56 -27.73 -17.46
C ILE A 104 14.66 -26.49 -16.60
N TYR A 105 13.52 -25.87 -16.37
CA TYR A 105 13.43 -24.66 -15.58
C TYR A 105 13.28 -25.13 -14.13
N LEU A 106 14.41 -25.38 -13.49
CA LEU A 106 14.45 -25.87 -12.12
C LEU A 106 13.42 -25.27 -11.15
N ASP A 107 13.35 -23.94 -11.09
CA ASP A 107 12.43 -23.28 -10.17
C ASP A 107 11.19 -22.67 -10.80
N GLY A 108 11.01 -22.89 -12.11
CA GLY A 108 9.85 -22.33 -12.79
C GLY A 108 8.51 -22.67 -12.16
N PHE A 109 8.43 -23.83 -11.51
CA PHE A 109 7.19 -24.31 -10.90
C PHE A 109 6.62 -23.47 -9.75
N MET A 110 7.50 -22.93 -8.90
CA MET A 110 7.06 -22.19 -7.72
C MET A 110 6.04 -21.07 -7.91
N ILE A 111 5.91 -20.53 -9.11
CA ILE A 111 5.00 -19.43 -9.33
C ILE A 111 3.54 -19.87 -9.42
N TYR A 112 3.33 -21.18 -9.50
CA TYR A 112 1.99 -21.74 -9.60
C TYR A 112 1.58 -22.56 -8.38
N ASP A 113 0.40 -22.26 -7.84
CA ASP A 113 -0.11 -22.99 -6.69
C ASP A 113 -1.39 -23.75 -7.10
N PRO A 114 -1.29 -25.08 -7.26
CA PRO A 114 -2.42 -25.93 -7.66
C PRO A 114 -3.66 -25.71 -6.79
N GLU A 115 -3.43 -25.34 -5.54
CA GLU A 115 -4.53 -25.10 -4.60
C GLU A 115 -5.41 -23.97 -5.07
N LYS A 116 -4.83 -23.00 -5.78
CA LYS A 116 -5.58 -21.85 -6.27
C LYS A 116 -5.81 -21.91 -7.77
N GLN A 117 -5.81 -23.11 -8.34
CA GLN A 117 -6.00 -23.26 -9.78
C GLN A 117 -7.07 -22.34 -10.36
N GLU A 118 -8.25 -22.33 -9.75
CA GLU A 118 -9.35 -21.50 -10.24
C GLU A 118 -9.03 -20.01 -10.28
N GLU A 119 -8.17 -19.57 -9.38
CA GLU A 119 -7.82 -18.15 -9.28
C GLU A 119 -6.92 -17.55 -10.35
N TYR A 120 -6.12 -18.37 -11.03
CA TYR A 120 -5.20 -17.85 -12.03
C TYR A 120 -5.78 -17.24 -13.30
N ASN A 121 -6.83 -17.83 -13.86
CA ASN A 121 -7.40 -17.30 -15.08
C ASN A 121 -8.10 -15.97 -14.86
N ASP A 122 -8.38 -15.65 -13.60
CA ASP A 122 -9.07 -14.41 -13.26
C ASP A 122 -8.20 -13.16 -13.42
N ILE A 123 -6.91 -13.33 -13.69
CA ILE A 123 -6.04 -12.17 -13.87
C ILE A 123 -6.03 -11.76 -15.33
N LEU A 124 -6.66 -12.58 -16.18
CA LEU A 124 -6.71 -12.32 -17.61
C LEU A 124 -7.86 -11.42 -18.03
N PRO A 125 -7.61 -10.51 -19.00
CA PRO A 125 -8.64 -9.59 -19.47
C PRO A 125 -9.80 -10.40 -20.02
N ASN A 126 -9.47 -11.46 -20.77
CA ASN A 126 -10.48 -12.31 -21.36
C ASN A 126 -10.23 -13.81 -21.18
N PRO A 127 -10.52 -14.34 -19.98
CA PRO A 127 -10.32 -15.76 -19.68
C PRO A 127 -10.95 -16.68 -20.73
N GLU A 128 -12.08 -16.25 -21.27
CA GLU A 128 -12.84 -16.99 -22.27
C GLU A 128 -12.12 -17.33 -23.57
N ASN A 129 -11.08 -16.57 -23.91
CA ASN A 129 -10.37 -16.83 -25.17
C ASN A 129 -9.25 -17.86 -25.03
N LEU A 130 -9.00 -18.29 -23.80
CA LEU A 130 -7.96 -19.27 -23.55
C LEU A 130 -8.14 -20.55 -24.33
N ASP A 131 -7.03 -21.14 -24.76
CA ASP A 131 -7.03 -22.42 -25.44
C ASP A 131 -6.90 -23.31 -24.20
N MET A 132 -8.01 -23.83 -23.70
CA MET A 132 -8.00 -24.63 -22.48
C MET A 132 -7.13 -25.88 -22.48
N GLU A 133 -7.12 -26.62 -23.57
CA GLU A 133 -6.30 -27.82 -23.58
C GLU A 133 -4.86 -27.41 -23.27
N ARG A 134 -4.31 -26.50 -24.07
CA ARG A 134 -2.93 -26.03 -23.87
C ARG A 134 -2.72 -25.33 -22.51
N TYR A 135 -3.67 -24.50 -22.11
CA TYR A 135 -3.58 -23.78 -20.84
C TYR A 135 -3.50 -24.78 -19.67
N LEU A 136 -4.45 -25.71 -19.63
CA LEU A 136 -4.44 -26.71 -18.56
C LEU A 136 -3.15 -27.51 -18.66
N GLY A 137 -2.67 -27.67 -19.90
CA GLY A 137 -1.42 -28.39 -20.11
C GLY A 137 -0.30 -27.65 -19.41
N LEU A 138 -0.25 -26.34 -19.58
CA LEU A 138 0.78 -25.53 -18.94
C LEU A 138 0.71 -25.68 -17.42
N LEU A 139 -0.50 -25.51 -16.89
CA LEU A 139 -0.70 -25.59 -15.45
C LEU A 139 -0.27 -26.92 -14.90
N GLU A 140 -0.46 -27.99 -15.67
CA GLU A 140 -0.05 -29.28 -15.17
C GLU A 140 1.46 -29.36 -15.13
N TYR A 141 2.12 -28.89 -16.20
CA TYR A 141 3.56 -28.92 -16.22
C TYR A 141 4.10 -28.09 -15.07
N SER A 142 3.47 -26.95 -14.81
CA SER A 142 3.90 -26.07 -13.74
C SER A 142 3.69 -26.67 -12.36
N SER A 143 2.93 -27.76 -12.30
CA SER A 143 2.68 -28.41 -11.02
C SER A 143 3.79 -29.38 -10.66
N ARG A 144 4.62 -29.72 -11.63
CA ARG A 144 5.73 -30.65 -11.39
C ARG A 144 6.96 -29.96 -10.79
N PRO A 145 7.38 -30.39 -9.59
CA PRO A 145 8.56 -29.81 -8.93
C PRO A 145 9.77 -29.95 -9.83
N GLY A 146 10.69 -29.00 -9.73
CA GLY A 146 11.88 -29.04 -10.55
C GLY A 146 12.71 -30.30 -10.36
N SER A 147 12.93 -30.68 -9.12
CA SER A 147 13.73 -31.87 -8.80
C SER A 147 13.29 -33.08 -9.64
N SER A 148 11.99 -33.31 -9.71
CA SER A 148 11.45 -34.43 -10.47
C SER A 148 11.73 -34.31 -11.95
N LEU A 149 11.60 -33.10 -12.48
CA LEU A 149 11.85 -32.86 -13.89
C LEU A 149 13.29 -33.25 -14.22
N LEU A 150 14.20 -32.91 -13.32
CA LEU A 150 15.61 -33.25 -13.53
C LEU A 150 15.93 -34.72 -13.41
N ALA A 151 15.46 -35.35 -12.33
CA ALA A 151 15.70 -36.77 -12.13
C ALA A 151 15.11 -37.60 -13.25
N ALA A 152 14.10 -37.05 -13.92
CA ALA A 152 13.41 -37.73 -15.01
C ALA A 152 14.28 -37.95 -16.24
N VAL A 153 15.21 -37.03 -16.49
CA VAL A 153 16.09 -37.11 -17.65
C VAL A 153 17.06 -38.28 -17.53
N PRO A 154 17.11 -39.13 -18.56
CA PRO A 154 18.01 -40.30 -18.57
C PRO A 154 19.48 -39.88 -18.49
N PRO A 155 20.33 -40.74 -17.91
CA PRO A 155 21.76 -40.46 -17.78
C PRO A 155 22.49 -40.28 -19.13
N THR A 156 22.01 -40.94 -20.18
CA THR A 156 22.65 -40.85 -21.48
C THR A 156 22.24 -39.63 -22.29
N GLU A 157 21.60 -38.67 -21.62
CA GLU A 157 21.17 -37.44 -22.25
C GLU A 157 21.74 -36.29 -21.42
N LYS A 158 22.44 -35.35 -22.05
CA LYS A 158 23.00 -34.22 -21.32
C LYS A 158 21.88 -33.35 -20.79
N ARG A 159 21.91 -33.04 -19.49
CA ARG A 159 20.88 -32.20 -18.87
C ARG A 159 21.25 -30.71 -18.87
N PHE A 160 20.37 -29.89 -19.44
CA PHE A 160 20.59 -28.45 -19.46
C PHE A 160 19.65 -27.82 -18.44
N VAL A 161 20.21 -27.16 -17.43
CA VAL A 161 19.37 -26.56 -16.40
C VAL A 161 19.35 -25.04 -16.39
N LYS A 162 18.16 -24.50 -16.18
CA LYS A 162 17.94 -23.06 -16.10
C LYS A 162 17.38 -22.80 -14.71
N THR A 163 17.90 -21.81 -14.01
CA THR A 163 17.38 -21.48 -12.69
C THR A 163 17.70 -20.04 -12.33
N HIS A 164 16.87 -19.49 -11.45
CA HIS A 164 17.04 -18.13 -10.95
C HIS A 164 17.28 -18.24 -9.44
N LEU A 165 17.51 -19.46 -8.97
CA LEU A 165 17.78 -19.74 -7.57
C LEU A 165 19.21 -19.34 -7.19
N PRO A 166 19.37 -18.70 -6.03
CA PRO A 166 20.72 -18.32 -5.61
C PRO A 166 21.49 -19.60 -5.25
N LEU A 167 22.81 -19.56 -5.29
CA LEU A 167 23.61 -20.74 -4.98
C LEU A 167 23.31 -21.38 -3.61
N SER A 168 23.06 -20.56 -2.60
CA SER A 168 22.78 -21.05 -1.26
C SER A 168 21.53 -21.94 -1.12
N LEU A 169 20.73 -22.06 -2.18
CA LEU A 169 19.53 -22.89 -2.09
C LEU A 169 19.68 -24.19 -2.84
N MET A 170 20.82 -24.36 -3.50
CA MET A 170 21.08 -25.56 -4.27
C MET A 170 22.16 -26.36 -3.57
N PRO A 171 22.43 -27.59 -4.01
CA PRO A 171 23.47 -28.39 -3.37
C PRO A 171 24.77 -27.62 -3.18
N PRO A 172 25.23 -27.48 -1.93
CA PRO A 172 26.49 -26.76 -1.75
C PRO A 172 27.55 -27.64 -2.39
N ASN A 173 28.64 -27.04 -2.86
CA ASN A 173 29.71 -27.79 -3.52
C ASN A 173 29.27 -28.33 -4.88
N MET A 174 28.06 -27.96 -5.31
CA MET A 174 27.55 -28.41 -6.60
C MET A 174 28.56 -28.15 -7.72
N LEU A 175 29.25 -27.02 -7.65
CA LEU A 175 30.24 -26.68 -8.65
C LEU A 175 31.37 -27.73 -8.74
N ASP A 176 31.39 -28.67 -7.80
CA ASP A 176 32.41 -29.71 -7.84
C ASP A 176 32.03 -30.72 -8.90
N THR A 177 30.75 -30.71 -9.27
CA THR A 177 30.26 -31.66 -10.27
C THR A 177 29.78 -31.01 -11.58
N VAL A 178 28.99 -29.93 -11.43
CA VAL A 178 28.42 -29.26 -12.59
C VAL A 178 29.15 -27.99 -13.03
N LYS A 179 28.85 -27.55 -14.24
CA LYS A 179 29.42 -26.31 -14.75
C LYS A 179 28.26 -25.34 -14.76
N MET A 180 28.55 -24.09 -14.43
CA MET A 180 27.52 -23.07 -14.39
C MET A 180 27.98 -21.79 -15.04
N VAL A 181 27.06 -21.17 -15.78
CA VAL A 181 27.33 -19.88 -16.40
C VAL A 181 26.32 -18.98 -15.68
N TYR A 182 26.83 -18.00 -14.95
CA TYR A 182 25.96 -17.10 -14.19
C TYR A 182 25.94 -15.72 -14.82
N LEU A 183 24.75 -15.22 -15.10
CA LEU A 183 24.65 -13.90 -15.69
C LEU A 183 24.23 -12.83 -14.69
N ALA A 184 24.88 -11.68 -14.78
CA ALA A 184 24.57 -10.54 -13.92
C ALA A 184 24.39 -9.35 -14.84
N ARG A 185 23.49 -8.45 -14.45
CA ARG A 185 23.18 -7.26 -15.23
C ARG A 185 22.96 -6.08 -14.27
N ASP A 186 23.11 -4.86 -14.76
CA ASP A 186 22.89 -3.67 -13.96
C ASP A 186 21.48 -3.85 -13.34
N PRO A 187 21.40 -3.82 -12.00
CA PRO A 187 20.10 -3.99 -11.34
C PRO A 187 19.02 -3.00 -11.79
N ARG A 188 19.42 -1.79 -12.11
CA ARG A 188 18.44 -0.80 -12.57
C ARG A 188 17.77 -1.25 -13.86
N ASP A 189 18.55 -1.79 -14.79
CA ASP A 189 17.98 -2.27 -16.05
C ASP A 189 17.19 -3.55 -15.79
N VAL A 190 17.69 -4.35 -14.85
CA VAL A 190 17.03 -5.59 -14.47
C VAL A 190 15.63 -5.25 -13.95
N ALA A 191 15.55 -4.17 -13.16
CA ALA A 191 14.30 -3.72 -12.59
C ALA A 191 13.28 -3.35 -13.66
N VAL A 192 13.70 -2.56 -14.65
CA VAL A 192 12.82 -2.18 -15.74
C VAL A 192 12.35 -3.41 -16.53
N SER A 193 13.27 -4.32 -16.82
CA SER A 193 12.91 -5.54 -17.54
C SER A 193 11.96 -6.42 -16.70
N SER A 194 12.20 -6.52 -15.40
CA SER A 194 11.35 -7.33 -14.54
C SER A 194 9.95 -6.74 -14.43
N PHE A 195 9.88 -5.41 -14.47
CA PHE A 195 8.61 -4.71 -14.39
C PHE A 195 7.76 -5.12 -15.60
N HIS A 196 8.34 -5.02 -16.79
CA HIS A 196 7.63 -5.38 -18.02
C HIS A 196 7.30 -6.86 -18.05
N HIS A 197 8.24 -7.69 -17.61
CA HIS A 197 8.01 -9.13 -17.54
C HIS A 197 6.79 -9.39 -16.67
N ALA A 198 6.72 -8.69 -15.54
CA ALA A 198 5.61 -8.81 -14.60
C ALA A 198 4.30 -8.39 -15.28
N ARG A 199 4.40 -7.39 -16.16
CA ARG A 199 3.26 -6.91 -16.90
C ARG A 199 2.85 -7.93 -17.95
N LEU A 200 3.86 -8.55 -18.55
CA LEU A 200 3.67 -9.55 -19.59
C LEU A 200 2.80 -10.73 -19.16
N LEU A 201 3.04 -11.23 -17.95
CA LEU A 201 2.30 -12.38 -17.44
C LEU A 201 1.18 -12.03 -16.45
N TYR A 202 0.87 -10.75 -16.33
CA TYR A 202 -0.19 -10.30 -15.42
C TYR A 202 0.09 -10.68 -13.97
N LEU A 203 1.29 -10.39 -13.50
CA LEU A 203 1.66 -10.68 -12.13
C LEU A 203 1.44 -9.42 -11.30
N LEU A 204 1.69 -8.29 -11.93
CA LEU A 204 1.59 -6.98 -11.31
C LEU A 204 0.18 -6.39 -11.40
N ASN A 205 -0.22 -5.62 -10.40
CA ASN A 205 -1.54 -4.99 -10.40
C ASN A 205 -1.54 -3.93 -11.50
N LYS A 206 -2.55 -4.00 -12.37
CA LYS A 206 -2.68 -3.07 -13.49
C LYS A 206 -2.61 -1.60 -13.07
N GLN A 207 -2.93 -1.32 -11.81
CA GLN A 207 -2.91 0.05 -11.31
C GLN A 207 -1.53 0.48 -10.80
N SER A 208 -0.63 -0.47 -10.62
CA SER A 208 0.72 -0.15 -10.14
C SER A 208 1.58 0.35 -11.29
N ASN A 209 2.53 1.23 -10.98
CA ASN A 209 3.44 1.76 -11.99
C ASN A 209 4.88 1.33 -11.65
N PHE A 210 5.84 1.73 -12.47
CA PHE A 210 7.23 1.34 -12.25
C PHE A 210 7.85 1.79 -10.93
N LYS A 211 7.54 3.00 -10.47
CA LYS A 211 8.11 3.46 -9.22
C LYS A 211 7.69 2.48 -8.13
N ASP A 212 6.43 2.04 -8.18
CA ASP A 212 5.93 1.08 -7.20
C ASP A 212 6.80 -0.18 -7.28
N PHE A 213 6.98 -0.70 -8.49
CA PHE A 213 7.75 -1.91 -8.68
C PHE A 213 9.19 -1.74 -8.19
N TRP A 214 9.79 -0.61 -8.54
CA TRP A 214 11.16 -0.32 -8.12
C TRP A 214 11.26 -0.26 -6.60
N GLU A 215 10.17 0.16 -5.94
CA GLU A 215 10.14 0.26 -4.49
C GLU A 215 10.29 -1.12 -3.88
N MET A 216 9.53 -2.07 -4.40
CA MET A 216 9.58 -3.45 -3.93
C MET A 216 10.91 -4.09 -4.26
N PHE A 217 11.39 -3.83 -5.48
CA PHE A 217 12.63 -4.40 -5.96
C PHE A 217 13.88 -4.15 -5.12
N HIS A 218 14.29 -2.89 -5.00
CA HIS A 218 15.51 -2.57 -4.26
C HIS A 218 15.36 -2.78 -2.76
N ARG A 219 14.14 -3.04 -2.31
CA ARG A 219 13.89 -3.28 -0.89
C ARG A 219 13.91 -4.77 -0.57
N GLY A 220 14.16 -5.59 -1.58
CA GLY A 220 14.23 -7.02 -1.38
C GLY A 220 12.86 -7.67 -1.16
N LEU A 221 11.83 -7.09 -1.77
CA LEU A 221 10.50 -7.63 -1.64
C LEU A 221 9.93 -8.17 -2.95
N TYR A 222 10.82 -8.51 -3.88
CA TYR A 222 10.37 -9.10 -5.14
C TYR A 222 11.04 -10.46 -5.34
N THR A 223 10.42 -11.28 -6.18
CA THR A 223 10.89 -12.63 -6.47
C THR A 223 12.41 -12.85 -6.53
N LEU A 224 12.90 -13.76 -5.70
CA LEU A 224 14.31 -14.11 -5.61
C LEU A 224 15.28 -12.99 -5.22
N THR A 225 14.77 -11.91 -4.63
CA THR A 225 15.64 -10.85 -4.13
C THR A 225 15.79 -11.21 -2.66
N PRO A 226 16.69 -10.55 -1.90
CA PRO A 226 17.62 -9.46 -2.19
C PRO A 226 18.49 -9.66 -3.42
N TYR A 227 18.42 -8.71 -4.34
CA TYR A 227 19.19 -8.77 -5.57
C TYR A 227 20.71 -8.92 -5.34
N PHE A 228 21.30 -8.04 -4.55
CA PHE A 228 22.75 -8.11 -4.36
C PHE A 228 23.30 -9.36 -3.68
N GLU A 229 22.53 -9.94 -2.77
CA GLU A 229 22.96 -11.16 -2.11
C GLU A 229 23.06 -12.26 -3.15
N HIS A 230 22.10 -12.25 -4.09
CA HIS A 230 22.03 -13.22 -5.17
C HIS A 230 23.31 -13.16 -6.01
N VAL A 231 23.62 -11.98 -6.54
CA VAL A 231 24.82 -11.79 -7.34
C VAL A 231 26.09 -12.12 -6.52
N LYS A 232 26.15 -11.64 -5.28
CA LYS A 232 27.34 -11.86 -4.45
C LYS A 232 27.72 -13.32 -4.24
N GLU A 233 26.74 -14.20 -4.07
CA GLU A 233 27.02 -15.62 -3.90
C GLU A 233 27.77 -16.15 -5.13
N ALA A 234 27.29 -15.80 -6.31
CA ALA A 234 27.92 -16.27 -7.56
C ALA A 234 29.30 -15.60 -7.77
N TRP A 235 29.39 -14.33 -7.43
CA TRP A 235 30.63 -13.58 -7.58
C TRP A 235 31.75 -14.23 -6.76
N ALA A 236 31.40 -14.70 -5.58
CA ALA A 236 32.35 -15.34 -4.69
C ALA A 236 32.91 -16.65 -5.27
N LYS A 237 32.16 -17.29 -6.15
CA LYS A 237 32.59 -18.54 -6.77
C LYS A 237 33.12 -18.32 -8.18
N ARG A 238 33.34 -17.06 -8.52
CA ARG A 238 33.81 -16.70 -9.85
C ARG A 238 35.14 -17.31 -10.26
N HIS A 239 35.97 -17.64 -9.28
N HIS A 239 35.99 -17.63 -9.29
CA HIS A 239 37.29 -18.19 -9.52
CA HIS A 239 37.30 -18.20 -9.59
C HIS A 239 37.29 -19.69 -9.81
N ASP A 240 36.33 -20.40 -9.25
CA ASP A 240 36.20 -21.85 -9.44
C ASP A 240 36.19 -22.16 -10.94
N PRO A 241 36.93 -23.19 -11.36
CA PRO A 241 37.02 -23.61 -12.77
C PRO A 241 35.70 -23.97 -13.42
N ASN A 242 34.71 -24.34 -12.61
CA ASN A 242 33.40 -24.72 -13.15
C ASN A 242 32.34 -23.62 -13.09
N MET A 243 32.76 -22.39 -12.82
CA MET A 243 31.84 -21.28 -12.76
C MET A 243 32.28 -20.20 -13.73
N LEU A 244 31.35 -19.70 -14.54
CA LEU A 244 31.67 -18.64 -15.49
C LEU A 244 30.75 -17.43 -15.26
N PHE A 245 31.25 -16.44 -14.53
CA PHE A 245 30.49 -15.22 -14.22
C PHE A 245 30.62 -14.22 -15.37
N LEU A 246 29.49 -13.87 -15.97
CA LEU A 246 29.45 -12.93 -17.10
C LEU A 246 28.47 -11.80 -16.86
N PHE A 247 28.71 -10.68 -17.52
CA PHE A 247 27.81 -9.54 -17.41
C PHE A 247 27.01 -9.39 -18.69
N TYR A 248 25.71 -9.16 -18.54
CA TYR A 248 24.84 -8.99 -19.69
C TYR A 248 25.37 -7.89 -20.59
N GLU A 249 25.85 -6.80 -19.99
CA GLU A 249 26.40 -5.67 -20.75
C GLU A 249 27.50 -6.05 -21.73
N ASP A 250 28.32 -7.03 -21.37
CA ASP A 250 29.40 -7.47 -22.25
C ASP A 250 28.91 -8.14 -23.53
N TYR A 251 27.72 -8.73 -23.47
CA TYR A 251 27.13 -9.36 -24.65
C TYR A 251 26.89 -8.26 -25.70
N LEU A 252 26.56 -7.06 -25.23
CA LEU A 252 26.29 -5.95 -26.13
C LEU A 252 27.58 -5.30 -26.63
N LYS A 253 28.54 -5.07 -25.73
CA LYS A 253 29.79 -4.46 -26.12
C LYS A 253 30.69 -5.38 -26.96
N ASP A 254 30.62 -6.69 -26.71
CA ASP A 254 31.45 -7.60 -27.46
C ASP A 254 30.92 -9.03 -27.47
N LEU A 255 29.85 -9.24 -28.22
CA LEU A 255 29.26 -10.56 -28.31
C LEU A 255 30.30 -11.61 -28.71
N PRO A 256 31.04 -11.38 -29.82
CA PRO A 256 32.05 -12.37 -30.22
C PRO A 256 32.98 -12.75 -29.08
N GLY A 257 33.43 -11.75 -28.33
CA GLY A 257 34.32 -11.99 -27.20
C GLY A 257 33.72 -12.85 -26.13
N SER A 258 32.44 -12.63 -25.84
CA SER A 258 31.77 -13.41 -24.80
C SER A 258 31.59 -14.85 -25.26
N ILE A 259 31.29 -15.03 -26.54
CA ILE A 259 31.10 -16.36 -27.07
C ILE A 259 32.37 -17.20 -26.92
N ALA A 260 33.53 -16.60 -27.21
CA ALA A 260 34.79 -17.33 -27.08
C ALA A 260 34.97 -17.82 -25.64
N ARG A 261 34.74 -16.93 -24.68
CA ARG A 261 34.87 -17.29 -23.28
C ARG A 261 33.93 -18.44 -22.92
N ILE A 262 32.71 -18.40 -23.42
CA ILE A 262 31.74 -19.45 -23.11
C ILE A 262 32.20 -20.77 -23.72
N ALA A 263 32.63 -20.71 -24.98
CA ALA A 263 33.11 -21.89 -25.68
C ALA A 263 34.28 -22.51 -24.93
N ASP A 264 35.27 -21.69 -24.56
CA ASP A 264 36.45 -22.18 -23.84
C ASP A 264 36.07 -22.78 -22.50
N PHE A 265 35.16 -22.09 -21.81
CA PHE A 265 34.69 -22.57 -20.52
C PHE A 265 34.09 -23.97 -20.66
N LEU A 266 33.46 -24.23 -21.80
CA LEU A 266 32.82 -25.53 -22.04
C LEU A 266 33.72 -26.59 -22.68
N GLY A 267 34.98 -26.24 -22.92
CA GLY A 267 35.92 -27.19 -23.51
C GLY A 267 35.74 -27.33 -25.02
N LYS A 268 35.53 -26.21 -25.70
CA LYS A 268 35.36 -26.21 -27.14
C LYS A 268 36.16 -25.08 -27.75
N LYS A 269 36.80 -25.35 -28.88
CA LYS A 269 37.57 -24.32 -29.57
C LYS A 269 36.83 -24.04 -30.87
N LEU A 270 36.29 -22.84 -30.97
CA LEU A 270 35.56 -22.46 -32.17
C LEU A 270 36.42 -21.64 -33.11
N SER A 271 36.08 -21.69 -34.39
CA SER A 271 36.80 -20.94 -35.41
C SER A 271 36.20 -19.55 -35.44
N GLU A 272 37.00 -18.55 -35.78
CA GLU A 272 36.52 -17.18 -35.84
C GLU A 272 35.20 -17.14 -36.63
N GLU A 273 35.07 -18.04 -37.60
CA GLU A 273 33.87 -18.12 -38.42
C GLU A 273 32.70 -18.68 -37.62
N GLN A 274 32.96 -19.70 -36.83
CA GLN A 274 31.92 -20.32 -36.01
C GLN A 274 31.38 -19.33 -34.99
N ILE A 275 32.28 -18.55 -34.41
CA ILE A 275 31.90 -17.55 -33.42
C ILE A 275 31.05 -16.50 -34.13
N GLN A 276 31.43 -16.17 -35.35
CA GLN A 276 30.69 -15.17 -36.11
C GLN A 276 29.28 -15.65 -36.42
N ARG A 277 29.18 -16.91 -36.83
CA ARG A 277 27.90 -17.51 -37.16
C ARG A 277 26.98 -17.50 -35.93
N LEU A 278 27.58 -17.75 -34.75
CA LEU A 278 26.82 -17.76 -33.51
C LEU A 278 26.33 -16.37 -33.14
N SER A 279 27.23 -15.38 -33.24
CA SER A 279 26.86 -14.01 -32.91
C SER A 279 25.72 -13.51 -33.77
N GLU A 280 25.76 -13.83 -35.06
CA GLU A 280 24.71 -13.40 -35.98
C GLU A 280 23.40 -14.04 -35.54
N HIS A 281 23.48 -15.30 -35.13
CA HIS A 281 22.31 -16.03 -34.68
C HIS A 281 21.68 -15.35 -33.46
N LEU A 282 22.52 -14.68 -32.67
CA LEU A 282 22.04 -13.99 -31.48
C LEU A 282 21.67 -12.54 -31.70
N ASN A 283 21.59 -12.13 -32.96
CA ASN A 283 21.20 -10.75 -33.30
C ASN A 283 19.82 -10.49 -32.68
N PHE A 284 19.68 -9.40 -31.93
CA PHE A 284 18.42 -9.10 -31.26
C PHE A 284 17.14 -9.24 -32.09
N GLU A 285 17.08 -8.58 -33.24
CA GLU A 285 15.87 -8.67 -34.06
C GLU A 285 15.59 -10.10 -34.47
N LYS A 286 16.62 -10.78 -34.95
CA LYS A 286 16.48 -12.15 -35.38
C LYS A 286 16.05 -13.05 -34.21
N PHE A 287 16.69 -12.87 -33.05
CA PHE A 287 16.38 -13.67 -31.87
C PHE A 287 14.95 -13.37 -31.38
N LYS A 288 14.60 -12.09 -31.33
CA LYS A 288 13.28 -11.64 -30.91
C LYS A 288 12.17 -12.25 -31.78
N ASN A 289 12.54 -12.63 -33.00
CA ASN A 289 11.58 -13.22 -33.92
C ASN A 289 11.77 -14.73 -34.03
N ASN A 290 12.65 -15.28 -33.20
CA ASN A 290 12.91 -16.70 -33.22
C ASN A 290 11.82 -17.40 -32.42
N GLY A 291 10.93 -18.11 -33.11
CA GLY A 291 9.84 -18.79 -32.43
C GLY A 291 10.24 -19.82 -31.39
N ALA A 292 11.46 -20.34 -31.48
CA ALA A 292 11.91 -21.34 -30.53
C ALA A 292 12.27 -20.76 -29.15
N VAL A 293 12.52 -19.45 -29.09
CA VAL A 293 12.92 -18.83 -27.83
C VAL A 293 12.11 -17.63 -27.36
N ASN A 294 11.20 -17.11 -28.18
CA ASN A 294 10.43 -15.95 -27.74
C ASN A 294 9.15 -16.27 -27.00
N MET A 295 8.81 -17.55 -26.92
CA MET A 295 7.60 -18.01 -26.23
C MET A 295 6.33 -17.26 -26.69
N GLU A 296 6.26 -16.93 -27.97
CA GLU A 296 5.08 -16.24 -28.49
C GLU A 296 3.90 -17.19 -28.61
N ASP A 297 4.18 -18.49 -28.63
CA ASP A 297 3.11 -19.47 -28.72
C ASP A 297 2.27 -19.36 -27.46
N TYR A 298 2.82 -18.76 -26.41
CA TYR A 298 2.08 -18.55 -25.18
C TYR A 298 0.96 -17.52 -25.42
N ARG A 299 1.19 -16.62 -26.37
CA ARG A 299 0.20 -15.60 -26.69
C ARG A 299 -1.02 -16.23 -27.39
N GLU A 300 -0.79 -17.26 -28.20
CA GLU A 300 -1.88 -17.94 -28.88
C GLU A 300 -2.69 -18.71 -27.83
N ILE A 301 -2.02 -19.12 -26.75
CA ILE A 301 -2.70 -19.82 -25.67
C ILE A 301 -3.60 -18.83 -24.93
N GLY A 302 -3.16 -17.57 -24.89
CA GLY A 302 -3.95 -16.52 -24.26
C GLY A 302 -3.49 -16.01 -22.91
N ILE A 303 -2.24 -16.25 -22.52
CA ILE A 303 -1.78 -15.77 -21.21
C ILE A 303 -0.77 -14.64 -21.23
N LEU A 304 -0.59 -14.00 -22.39
CA LEU A 304 0.36 -12.88 -22.49
C LEU A 304 -0.37 -11.56 -22.71
N ALA A 305 0.11 -10.50 -22.06
CA ALA A 305 -0.52 -9.19 -22.22
C ALA A 305 -0.12 -8.50 -23.52
N ASP A 306 -1.04 -7.70 -24.06
CA ASP A 306 -0.82 -6.96 -25.29
C ASP A 306 0.40 -6.04 -25.17
N GLY A 307 1.18 -5.95 -26.24
CA GLY A 307 2.34 -5.08 -26.23
C GLY A 307 3.42 -5.37 -25.19
N GLU A 308 3.67 -6.65 -24.96
CA GLU A 308 4.72 -7.06 -24.03
C GLU A 308 5.29 -8.31 -24.66
N HIS A 309 6.61 -8.48 -24.54
CA HIS A 309 7.24 -9.64 -25.11
C HIS A 309 8.37 -10.11 -24.21
N PHE A 310 8.74 -11.38 -24.30
CA PHE A 310 9.82 -11.91 -23.48
C PHE A 310 11.11 -11.23 -23.90
N ILE A 311 11.33 -11.13 -25.21
CA ILE A 311 12.51 -10.48 -25.78
C ILE A 311 12.00 -9.09 -26.15
N ARG A 312 12.36 -8.11 -25.32
CA ARG A 312 11.88 -6.73 -25.47
C ARG A 312 12.67 -5.70 -26.29
N LYS A 313 13.55 -4.97 -25.63
CA LYS A 313 14.35 -3.93 -26.25
C LYS A 313 15.80 -4.36 -26.47
N GLY A 314 16.34 -5.17 -25.55
CA GLY A 314 17.69 -5.65 -25.68
C GLY A 314 18.79 -4.59 -25.63
N LYS A 315 18.58 -3.58 -24.81
CA LYS A 315 19.53 -2.48 -24.68
C LYS A 315 20.04 -2.33 -23.25
N ALA A 316 21.12 -1.57 -23.09
CA ALA A 316 21.71 -1.32 -21.78
C ALA A 316 21.61 0.16 -21.48
N GLY A 317 21.32 0.50 -20.22
CA GLY A 317 21.24 1.89 -19.81
C GLY A 317 19.88 2.57 -19.92
N CYS A 318 18.90 1.89 -20.52
CA CYS A 318 17.56 2.45 -20.70
C CYS A 318 16.80 2.74 -19.40
N TRP A 319 17.39 2.43 -18.26
CA TRP A 319 16.73 2.68 -17.00
C TRP A 319 16.65 4.19 -16.76
N ARG A 320 17.50 4.95 -17.43
CA ARG A 320 17.49 6.40 -17.27
C ARG A 320 16.18 7.01 -17.78
N ASP A 321 15.48 6.26 -18.61
CA ASP A 321 14.21 6.72 -19.15
C ASP A 321 13.07 6.38 -18.20
N TYR A 322 13.36 5.70 -17.10
CA TYR A 322 12.32 5.31 -16.13
C TYR A 322 12.52 5.86 -14.72
N PHE A 323 13.74 6.31 -14.40
CA PHE A 323 14.03 6.84 -13.07
C PHE A 323 13.99 8.36 -13.02
N ASP A 324 13.25 8.91 -12.06
CA ASP A 324 13.22 10.37 -11.92
C ASP A 324 14.38 10.75 -11.00
N GLU A 325 14.67 12.04 -10.91
CA GLU A 325 15.77 12.51 -10.07
C GLU A 325 15.90 11.82 -8.71
N GLU A 326 14.81 11.76 -7.95
CA GLU A 326 14.85 11.10 -6.64
C GLU A 326 15.21 9.62 -6.73
N MET A 327 14.48 8.87 -7.56
CA MET A 327 14.73 7.45 -7.74
C MET A 327 16.17 7.19 -8.13
N THR A 328 16.70 8.05 -9.00
CA THR A 328 18.07 7.93 -9.48
C THR A 328 19.07 7.97 -8.33
N LYS A 329 18.90 8.94 -7.44
CA LYS A 329 19.81 9.09 -6.30
C LYS A 329 19.63 7.92 -5.33
N GLN A 330 18.38 7.52 -5.12
CA GLN A 330 18.08 6.41 -4.23
C GLN A 330 18.73 5.12 -4.73
N ALA A 331 18.80 4.97 -6.04
CA ALA A 331 19.41 3.79 -6.66
C ALA A 331 20.93 3.86 -6.57
N GLU A 332 21.46 5.06 -6.67
CA GLU A 332 22.89 5.26 -6.59
C GLU A 332 23.38 4.91 -5.19
N LYS A 333 22.70 5.46 -4.18
CA LYS A 333 23.06 5.18 -2.80
C LYS A 333 22.99 3.68 -2.52
N TRP A 334 21.91 3.05 -2.97
CA TRP A 334 21.70 1.63 -2.80
C TRP A 334 22.81 0.78 -3.40
N ILE A 335 23.16 1.04 -4.65
CA ILE A 335 24.25 0.28 -5.28
C ILE A 335 25.53 0.57 -4.50
N LYS A 336 25.73 1.84 -4.16
CA LYS A 336 26.90 2.31 -3.42
C LYS A 336 27.09 1.46 -2.17
N ASP A 337 26.04 1.36 -1.37
CA ASP A 337 26.06 0.61 -0.13
C ASP A 337 26.36 -0.88 -0.29
N ASN A 338 25.77 -1.51 -1.31
CA ASN A 338 26.01 -2.93 -1.51
C ASN A 338 27.34 -3.28 -2.18
N LEU A 339 28.00 -2.30 -2.79
CA LEU A 339 29.29 -2.55 -3.44
C LEU A 339 30.44 -2.13 -2.54
N LYS A 340 30.11 -1.58 -1.39
CA LYS A 340 31.08 -1.13 -0.42
C LYS A 340 31.75 -2.36 0.20
N ASP A 341 33.07 -2.37 0.20
CA ASP A 341 33.82 -3.50 0.75
C ASP A 341 33.64 -4.82 0.01
N THR A 342 33.76 -4.77 -1.31
CA THR A 342 33.67 -5.92 -2.19
C THR A 342 34.35 -5.45 -3.47
N ASP A 343 34.84 -6.39 -4.26
CA ASP A 343 35.51 -6.01 -5.50
C ASP A 343 34.56 -6.10 -6.69
N LEU A 344 33.29 -6.40 -6.41
CA LEU A 344 32.28 -6.51 -7.46
C LEU A 344 32.08 -5.14 -8.15
N ARG A 345 32.13 -5.14 -9.48
CA ARG A 345 31.95 -3.90 -10.22
C ARG A 345 31.22 -4.21 -11.52
N TYR A 346 30.32 -3.31 -11.91
CA TYR A 346 29.59 -3.50 -13.17
C TYR A 346 30.30 -2.74 -14.29
N PRO A 347 30.42 -3.38 -15.47
CA PRO A 347 31.07 -2.84 -16.66
C PRO A 347 30.60 -1.45 -17.10
N ASN A 348 29.29 -1.27 -17.17
CA ASN A 348 28.72 0.00 -17.60
C ASN A 348 28.71 1.10 -16.54
N MET A 349 28.87 0.71 -15.26
CA MET A 349 28.85 1.69 -14.18
C MET A 349 30.15 2.48 -14.09
N LEU B 7 -21.49 41.50 7.12
CA LEU B 7 -21.85 41.16 8.53
C LEU B 7 -20.59 40.96 9.37
N PRO B 8 -20.50 41.68 10.51
CA PRO B 8 -19.32 41.55 11.37
C PRO B 8 -19.42 40.40 12.37
N PHE B 9 -18.26 39.92 12.82
CA PHE B 9 -18.19 38.83 13.78
C PHE B 9 -18.62 39.38 15.15
N PRO B 10 -19.77 38.92 15.66
CA PRO B 10 -20.33 39.36 16.94
C PRO B 10 -19.74 38.74 18.20
N TYR B 11 -18.59 38.07 18.08
CA TYR B 11 -18.03 37.42 19.26
C TYR B 11 -16.66 37.88 19.72
N GLU B 12 -16.49 37.89 21.03
CA GLU B 12 -15.20 38.26 21.63
C GLU B 12 -14.59 36.95 22.11
N PHE B 13 -13.28 36.90 22.21
CA PHE B 13 -12.66 35.69 22.72
C PHE B 13 -12.06 36.03 24.08
N ARG B 14 -11.69 35.01 24.82
CA ARG B 14 -11.12 35.22 26.15
C ARG B 14 -10.09 34.15 26.46
N GLU B 15 -9.03 34.54 27.15
CA GLU B 15 -7.98 33.59 27.51
C GLU B 15 -8.50 32.71 28.64
N LEU B 16 -7.86 31.57 28.83
CA LEU B 16 -8.25 30.67 29.90
C LEU B 16 -7.77 31.32 31.19
N ASN B 17 -8.56 31.22 32.24
CA ASN B 17 -8.14 31.80 33.51
C ASN B 17 -7.10 30.87 34.11
N PRO B 18 -6.42 31.31 35.19
CA PRO B 18 -5.41 30.46 35.82
C PRO B 18 -5.80 29.01 36.12
N GLU B 19 -6.98 28.80 36.72
CA GLU B 19 -7.40 27.45 37.04
C GLU B 19 -7.60 26.60 35.79
N GLU B 20 -8.34 27.13 34.84
CA GLU B 20 -8.62 26.45 33.59
C GLU B 20 -7.34 26.12 32.85
N ASP B 21 -6.42 27.09 32.85
CA ASP B 21 -5.14 26.92 32.16
C ASP B 21 -4.27 25.84 32.79
N LYS B 22 -4.39 25.67 34.10
CA LYS B 22 -3.63 24.67 34.84
C LYS B 22 -4.06 23.26 34.43
N LEU B 23 -5.36 23.04 34.41
CA LEU B 23 -5.93 21.75 34.06
C LEU B 23 -5.56 21.37 32.64
N VAL B 24 -5.84 22.28 31.71
CA VAL B 24 -5.56 22.05 30.29
C VAL B 24 -4.10 21.73 30.05
N LYS B 25 -3.22 22.59 30.54
CA LYS B 25 -1.78 22.40 30.38
C LYS B 25 -1.32 21.06 30.93
N ALA B 26 -1.87 20.66 32.06
CA ALA B 26 -1.49 19.40 32.69
C ALA B 26 -1.78 18.19 31.82
N ASN B 27 -2.72 18.33 30.89
CA ASN B 27 -3.09 17.21 30.02
C ASN B 27 -2.79 17.41 28.54
N LEU B 28 -2.70 18.66 28.10
CA LEU B 28 -2.43 18.97 26.69
C LEU B 28 -1.26 19.92 26.47
N GLY B 29 -0.61 20.32 27.55
CA GLY B 29 0.53 21.24 27.45
C GLY B 29 1.61 20.89 26.45
N ALA B 30 1.92 19.60 26.31
CA ALA B 30 2.97 19.18 25.40
C ALA B 30 2.65 19.49 23.96
N PHE B 31 1.36 19.51 23.63
CA PHE B 31 0.96 19.82 22.27
C PHE B 31 1.16 21.33 22.07
N PRO B 32 1.81 21.72 20.96
CA PRO B 32 2.08 23.14 20.65
C PRO B 32 0.90 24.11 20.64
N THR B 33 -0.20 23.71 20.00
CA THR B 33 -1.35 24.60 19.89
C THR B 33 -2.09 24.87 21.21
N THR B 34 -2.45 26.13 21.41
CA THR B 34 -3.17 26.52 22.62
C THR B 34 -4.61 26.87 22.29
N TYR B 35 -5.41 27.09 23.34
CA TYR B 35 -6.82 27.43 23.21
C TYR B 35 -7.20 28.84 23.70
N VAL B 36 -8.44 29.21 23.41
CA VAL B 36 -9.07 30.45 23.86
C VAL B 36 -10.55 30.07 23.86
N LYS B 37 -11.36 30.76 24.66
CA LYS B 37 -12.79 30.47 24.68
C LYS B 37 -13.45 31.49 23.82
N LEU B 38 -14.39 31.05 23.00
CA LEU B 38 -15.05 31.95 22.07
C LEU B 38 -16.55 32.08 22.32
N GLY B 39 -17.04 33.31 22.21
CA GLY B 39 -18.45 33.55 22.39
C GLY B 39 -18.93 33.45 23.84
N PRO B 40 -20.20 33.80 24.07
CA PRO B 40 -20.85 33.78 25.37
C PRO B 40 -20.95 32.39 25.99
N LYS B 41 -20.96 31.36 25.15
CA LYS B 41 -21.05 29.99 25.64
C LYS B 41 -19.66 29.46 25.99
N GLY B 42 -18.63 30.16 25.51
CA GLY B 42 -17.26 29.77 25.79
C GLY B 42 -16.71 28.57 25.06
N TYR B 43 -17.11 28.38 23.81
CA TYR B 43 -16.64 27.24 23.04
C TYR B 43 -15.11 27.26 22.93
N MET B 44 -14.50 26.14 23.28
CA MET B 44 -13.05 25.98 23.23
C MET B 44 -12.57 25.81 21.79
N VAL B 45 -11.75 26.74 21.32
CA VAL B 45 -11.22 26.65 19.96
C VAL B 45 -9.71 26.81 20.01
N TYR B 46 -9.02 26.12 19.09
CA TYR B 46 -7.58 26.25 19.02
C TYR B 46 -7.31 27.68 18.54
N ARG B 47 -6.38 28.36 19.20
CA ARG B 47 -6.03 29.74 18.88
C ARG B 47 -6.06 30.11 17.39
N PRO B 48 -5.43 29.29 16.53
CA PRO B 48 -5.43 29.59 15.09
C PRO B 48 -6.82 29.76 14.46
N TYR B 49 -7.87 29.31 15.14
CA TYR B 49 -9.22 29.44 14.60
C TYR B 49 -9.62 30.89 14.41
N LEU B 50 -9.15 31.76 15.28
CA LEU B 50 -9.48 33.18 15.24
C LEU B 50 -9.18 33.87 13.91
N LYS B 51 -8.11 33.48 13.24
CA LYS B 51 -7.78 34.11 11.97
C LYS B 51 -8.84 33.90 10.88
N ASP B 52 -9.61 32.82 10.96
CA ASP B 52 -10.62 32.56 9.94
C ASP B 52 -12.05 32.59 10.47
N ALA B 53 -12.21 32.94 11.74
CA ALA B 53 -13.52 32.98 12.40
C ALA B 53 -14.56 33.86 11.72
N ALA B 54 -14.19 35.10 11.38
CA ALA B 54 -15.11 36.02 10.74
C ALA B 54 -15.50 35.50 9.36
N ASN B 55 -14.54 34.99 8.60
CA ASN B 55 -14.83 34.46 7.27
C ASN B 55 -15.82 33.30 7.34
N ILE B 56 -15.62 32.38 8.28
CA ILE B 56 -16.52 31.25 8.42
C ILE B 56 -17.91 31.72 8.79
N TYR B 57 -18.00 32.65 9.74
CA TYR B 57 -19.29 33.17 10.15
C TYR B 57 -20.02 33.78 8.94
N ASN B 58 -19.25 34.34 8.01
CA ASN B 58 -19.79 34.96 6.80
C ASN B 58 -19.55 34.22 5.49
N MET B 59 -19.17 32.95 5.56
CA MET B 59 -18.89 32.20 4.33
C MET B 59 -20.11 32.10 3.40
N PRO B 60 -19.90 32.35 2.10
CA PRO B 60 -21.01 32.27 1.15
C PRO B 60 -21.47 30.82 1.01
N LEU B 61 -22.78 30.60 1.09
CA LEU B 61 -23.30 29.24 0.95
C LEU B 61 -24.02 29.02 -0.37
N ARG B 62 -24.14 27.76 -0.79
CA ARG B 62 -24.79 27.42 -2.05
C ARG B 62 -25.90 26.41 -1.78
N PRO B 63 -27.04 26.55 -2.47
CA PRO B 63 -28.17 25.64 -2.31
C PRO B 63 -27.83 24.16 -2.44
N THR B 64 -26.71 23.86 -3.07
CA THR B 64 -26.32 22.47 -3.26
C THR B 64 -25.40 21.93 -2.16
N ASP B 65 -24.89 22.82 -1.33
CA ASP B 65 -24.00 22.41 -0.25
C ASP B 65 -24.65 21.42 0.72
N VAL B 66 -23.86 20.48 1.23
CA VAL B 66 -24.35 19.51 2.20
C VAL B 66 -23.32 19.44 3.31
N PHE B 67 -23.79 19.62 4.55
CA PHE B 67 -22.93 19.61 5.72
C PHE B 67 -23.15 18.39 6.60
N VAL B 68 -22.06 17.85 7.12
CA VAL B 68 -22.12 16.74 8.07
C VAL B 68 -21.44 17.34 9.30
N ALA B 69 -22.25 17.69 10.29
CA ALA B 69 -21.79 18.31 11.51
C ALA B 69 -21.93 17.39 12.72
N SER B 70 -21.21 17.72 13.78
CA SER B 70 -21.23 16.91 15.00
C SER B 70 -20.11 17.32 15.93
N TYR B 71 -20.25 16.94 17.19
CA TYR B 71 -19.18 17.14 18.12
C TYR B 71 -18.37 15.88 17.77
N GLN B 72 -17.05 16.03 17.59
CA GLN B 72 -16.16 14.93 17.21
C GLN B 72 -16.40 13.57 17.88
N ARG B 73 -16.12 12.52 17.10
CA ARG B 73 -16.26 11.13 17.54
C ARG B 73 -17.71 10.72 17.82
N SER B 74 -18.64 11.28 17.06
CA SER B 74 -20.05 10.96 17.25
C SER B 74 -20.68 10.24 16.07
N GLY B 75 -19.85 9.85 15.10
CA GLY B 75 -20.36 9.16 13.93
C GLY B 75 -20.24 9.95 12.64
N THR B 76 -19.40 10.97 12.66
CA THR B 76 -19.17 11.83 11.48
C THR B 76 -18.76 11.04 10.23
N THR B 77 -17.66 10.31 10.34
CA THR B 77 -17.12 9.54 9.22
C THR B 77 -18.12 8.62 8.54
N MET B 78 -18.85 7.84 9.34
CA MET B 78 -19.88 6.93 8.81
C MET B 78 -20.87 7.75 7.98
N THR B 79 -21.37 8.80 8.60
CA THR B 79 -22.36 9.66 7.99
C THR B 79 -21.85 10.24 6.67
N GLN B 80 -20.59 10.66 6.64
CA GLN B 80 -20.01 11.24 5.43
C GLN B 80 -20.06 10.25 4.26
N GLU B 81 -19.68 9.01 4.54
CA GLU B 81 -19.67 7.96 3.52
C GLU B 81 -21.08 7.71 2.99
N LEU B 82 -22.05 7.62 3.90
CA LEU B 82 -23.43 7.40 3.50
C LEU B 82 -23.95 8.57 2.66
N VAL B 83 -23.79 9.78 3.18
CA VAL B 83 -24.27 10.97 2.48
C VAL B 83 -23.64 11.11 1.10
N TRP B 84 -22.36 10.79 1.00
CA TRP B 84 -21.67 10.89 -0.28
C TRP B 84 -22.14 9.89 -1.32
N LEU B 85 -22.29 8.63 -0.90
CA LEU B 85 -22.75 7.59 -1.81
C LEU B 85 -24.17 7.88 -2.30
N ILE B 86 -25.05 8.26 -1.39
CA ILE B 86 -26.45 8.56 -1.73
C ILE B 86 -26.56 9.72 -2.73
N GLU B 87 -25.82 10.80 -2.49
CA GLU B 87 -25.87 11.93 -3.42
C GLU B 87 -25.23 11.57 -4.75
N ASN B 88 -24.29 10.64 -4.75
CA ASN B 88 -23.63 10.22 -5.96
C ASN B 88 -24.14 8.88 -6.52
N ASP B 89 -25.45 8.67 -6.44
CA ASP B 89 -26.10 7.47 -6.96
C ASP B 89 -25.41 6.14 -6.65
N LEU B 90 -25.09 5.93 -5.38
CA LEU B 90 -24.44 4.71 -4.95
C LEU B 90 -23.29 4.27 -5.84
N ASN B 91 -22.52 5.22 -6.33
CA ASN B 91 -21.38 4.88 -7.16
C ASN B 91 -20.20 4.50 -6.25
N PHE B 92 -20.26 3.31 -5.65
CA PHE B 92 -19.22 2.85 -4.76
C PHE B 92 -17.82 2.97 -5.34
N GLU B 93 -17.72 2.83 -6.66
CA GLU B 93 -16.44 2.91 -7.32
C GLU B 93 -15.80 4.29 -7.16
N ALA B 94 -16.59 5.33 -7.38
CA ALA B 94 -16.09 6.70 -7.28
C ALA B 94 -15.82 7.10 -5.82
N ALA B 95 -16.40 6.36 -4.89
CA ALA B 95 -16.23 6.64 -3.46
C ALA B 95 -14.95 6.03 -2.89
N LYS B 96 -14.17 5.38 -3.74
CA LYS B 96 -12.93 4.75 -3.31
C LYS B 96 -11.79 5.75 -3.11
N THR B 97 -12.04 7.02 -3.45
CA THR B 97 -11.07 8.08 -3.25
C THR B 97 -11.10 8.48 -1.76
N TYR B 98 -10.02 9.09 -1.28
CA TYR B 98 -9.95 9.50 0.12
C TYR B 98 -11.11 10.40 0.54
N MET B 99 -11.67 10.13 1.71
CA MET B 99 -12.76 10.92 2.26
C MET B 99 -12.31 12.38 2.38
N SER B 100 -11.02 12.57 2.66
CA SER B 100 -10.46 13.90 2.83
C SER B 100 -10.43 14.69 1.51
N LEU B 101 -10.50 13.98 0.40
CA LEU B 101 -10.52 14.61 -0.90
C LEU B 101 -11.97 14.83 -1.34
N ARG B 102 -12.89 14.07 -0.74
CA ARG B 102 -14.30 14.19 -1.07
C ARG B 102 -15.03 15.21 -0.22
N TYR B 103 -14.48 15.52 0.95
CA TYR B 103 -15.09 16.50 1.85
C TYR B 103 -14.07 17.55 2.24
N ILE B 104 -14.57 18.75 2.54
CA ILE B 104 -13.69 19.78 3.02
C ILE B 104 -13.94 19.83 4.52
N TYR B 105 -12.85 19.73 5.26
CA TYR B 105 -12.91 19.77 6.72
C TYR B 105 -12.84 21.24 7.11
N LEU B 106 -14.01 21.88 7.12
CA LEU B 106 -14.13 23.29 7.43
C LEU B 106 -13.21 23.82 8.54
N ASP B 107 -13.25 23.18 9.71
CA ASP B 107 -12.44 23.62 10.84
C ASP B 107 -11.17 22.81 11.13
N GLY B 108 -10.88 21.82 10.29
CA GLY B 108 -9.70 20.99 10.50
C GLY B 108 -8.39 21.75 10.68
N PHE B 109 -8.30 22.91 10.06
CA PHE B 109 -7.09 23.74 10.09
C PHE B 109 -6.66 24.29 11.45
N MET B 110 -7.64 24.68 12.27
CA MET B 110 -7.35 25.29 13.56
C MET B 110 -6.39 24.57 14.52
N ILE B 111 -6.20 23.28 14.34
CA ILE B 111 -5.34 22.53 15.25
C ILE B 111 -3.86 22.74 14.96
N TYR B 112 -3.57 23.40 13.83
CA TYR B 112 -2.19 23.65 13.45
C TYR B 112 -1.82 25.12 13.45
N ASP B 113 -0.71 25.46 14.08
CA ASP B 113 -0.25 26.84 14.13
C ASP B 113 1.09 26.93 13.39
N PRO B 114 1.10 27.51 12.18
CA PRO B 114 2.31 27.65 11.36
C PRO B 114 3.46 28.31 12.12
N GLU B 115 3.11 29.17 13.08
CA GLU B 115 4.11 29.87 13.87
C GLU B 115 4.97 28.89 14.67
N LYS B 116 4.37 27.77 15.05
CA LYS B 116 5.08 26.76 15.83
C LYS B 116 5.43 25.54 15.01
N GLN B 117 5.56 25.70 13.69
CA GLN B 117 5.87 24.56 12.82
C GLN B 117 6.93 23.61 13.40
N GLU B 118 8.05 24.16 13.84
CA GLU B 118 9.14 23.35 14.40
C GLU B 118 8.73 22.51 15.60
N GLU B 119 7.78 23.01 16.37
CA GLU B 119 7.32 22.32 17.58
C GLU B 119 6.47 21.06 17.42
N TYR B 120 5.79 20.90 16.30
CA TYR B 120 4.92 19.74 16.12
C TYR B 120 5.55 18.36 16.01
N ASN B 121 6.67 18.24 15.32
CA ASN B 121 7.30 16.95 15.18
C ASN B 121 7.91 16.46 16.49
N ASP B 122 8.05 17.36 17.46
CA ASP B 122 8.63 16.99 18.74
C ASP B 122 7.71 16.16 19.63
N ILE B 123 6.46 15.99 19.21
CA ILE B 123 5.53 15.20 20.01
C ILE B 123 5.61 13.74 19.57
N LEU B 124 6.36 13.47 18.51
CA LEU B 124 6.51 12.13 17.96
C LEU B 124 7.63 11.33 18.62
N PRO B 125 7.40 10.02 18.85
CA PRO B 125 8.41 9.17 19.47
C PRO B 125 9.66 9.17 18.61
N ASN B 126 9.44 9.11 17.30
CA ASN B 126 10.55 9.08 16.35
C ASN B 126 10.39 10.03 15.16
N PRO B 127 10.62 11.33 15.37
CA PRO B 127 10.48 12.34 14.31
C PRO B 127 11.25 11.96 13.05
N GLU B 128 12.40 11.30 13.24
CA GLU B 128 13.27 10.89 12.15
C GLU B 128 12.69 9.95 11.10
N ASN B 129 11.63 9.22 11.47
CA ASN B 129 11.05 8.28 10.51
C ASN B 129 9.99 8.91 9.60
N LEU B 130 9.65 10.15 9.88
CA LEU B 130 8.66 10.87 9.08
C LEU B 130 8.99 10.90 7.60
N ASP B 131 7.95 10.82 6.78
CA ASP B 131 8.10 10.93 5.34
C ASP B 131 7.91 12.44 5.24
N MET B 132 9.01 13.18 5.17
CA MET B 132 8.95 14.64 5.14
C MET B 132 8.17 15.28 4.01
N GLU B 133 8.30 14.76 2.79
CA GLU B 133 7.55 15.36 1.70
C GLU B 133 6.08 15.35 2.06
N ARG B 134 5.53 14.18 2.37
CA ARG B 134 4.11 14.05 2.73
C ARG B 134 3.76 14.81 4.01
N TYR B 135 4.62 14.73 5.02
CA TYR B 135 4.38 15.41 6.29
C TYR B 135 4.28 16.93 6.07
N LEU B 136 5.27 17.51 5.39
CA LEU B 136 5.23 18.94 5.12
C LEU B 136 4.00 19.23 4.27
N GLY B 137 3.64 18.27 3.41
CA GLY B 137 2.47 18.43 2.58
C GLY B 137 1.24 18.58 3.46
N LEU B 138 1.13 17.73 4.49
CA LEU B 138 0.00 17.82 5.41
C LEU B 138 -0.04 19.18 6.10
N LEU B 139 1.10 19.57 6.64
CA LEU B 139 1.20 20.84 7.35
C LEU B 139 0.80 22.00 6.48
N GLU B 140 1.14 21.93 5.20
CA GLU B 140 0.76 23.03 4.32
C GLU B 140 -0.75 23.04 4.14
N TYR B 141 -1.34 21.88 3.90
CA TYR B 141 -2.77 21.83 3.73
C TYR B 141 -3.45 22.34 5.00
N SER B 142 -2.91 21.95 6.14
CA SER B 142 -3.49 22.38 7.41
C SER B 142 -3.35 23.87 7.65
N SER B 143 -2.53 24.54 6.84
CA SER B 143 -2.33 25.98 7.00
C SER B 143 -3.42 26.77 6.28
N ARG B 144 -4.14 26.11 5.37
CA ARG B 144 -5.20 26.76 4.63
C ARG B 144 -6.52 26.85 5.40
N PRO B 145 -7.01 28.08 5.63
CA PRO B 145 -8.26 28.30 6.35
C PRO B 145 -9.39 27.55 5.66
N GLY B 146 -10.39 27.13 6.42
CA GLY B 146 -11.51 26.41 5.85
C GLY B 146 -12.25 27.20 4.79
N SER B 147 -12.56 28.45 5.11
CA SER B 147 -13.28 29.32 4.19
C SER B 147 -12.70 29.28 2.78
N SER B 148 -11.38 29.39 2.67
CA SER B 148 -10.72 29.37 1.38
C SER B 148 -10.89 28.04 0.67
N LEU B 149 -10.80 26.95 1.42
CA LEU B 149 -10.95 25.63 0.84
C LEU B 149 -12.32 25.50 0.20
N LEU B 150 -13.33 26.05 0.87
CA LEU B 150 -14.69 26.01 0.36
C LEU B 150 -14.92 26.89 -0.88
N ALA B 151 -14.50 28.14 -0.78
CA ALA B 151 -14.68 29.08 -1.90
C ALA B 151 -13.94 28.59 -3.14
N ALA B 152 -12.93 27.77 -2.92
CA ALA B 152 -12.11 27.23 -3.99
C ALA B 152 -12.86 26.28 -4.93
N VAL B 153 -13.83 25.54 -4.37
CA VAL B 153 -14.61 24.58 -5.13
C VAL B 153 -15.51 25.27 -6.15
N PRO B 154 -15.42 24.85 -7.42
CA PRO B 154 -16.23 25.42 -8.50
C PRO B 154 -17.73 25.24 -8.24
N PRO B 155 -18.57 26.15 -8.76
CA PRO B 155 -20.02 26.07 -8.58
C PRO B 155 -20.66 24.82 -9.21
N THR B 156 -20.06 24.29 -10.27
CA THR B 156 -20.60 23.11 -10.94
C THR B 156 -20.22 21.79 -10.28
N GLU B 157 -19.68 21.88 -9.08
CA GLU B 157 -19.28 20.70 -8.32
C GLU B 157 -20.00 20.78 -6.96
N LYS B 158 -20.69 19.71 -6.59
CA LYS B 158 -21.38 19.70 -5.30
C LYS B 158 -20.33 19.72 -4.17
N ARG B 159 -20.50 20.66 -3.23
CA ARG B 159 -19.58 20.77 -2.10
C ARG B 159 -20.04 19.97 -0.87
N PHE B 160 -19.18 19.07 -0.40
CA PHE B 160 -19.48 18.28 0.79
C PHE B 160 -18.66 18.83 1.94
N VAL B 161 -19.33 19.31 2.98
CA VAL B 161 -18.63 19.89 4.11
C VAL B 161 -18.72 19.08 5.40
N LYS B 162 -17.59 19.00 6.08
CA LYS B 162 -17.45 18.30 7.36
C LYS B 162 -17.00 19.35 8.37
N THR B 163 -17.66 19.40 9.53
CA THR B 163 -17.27 20.37 10.54
C THR B 163 -17.69 19.89 11.92
N HIS B 164 -16.99 20.37 12.94
CA HIS B 164 -17.29 20.06 14.33
C HIS B 164 -17.65 21.38 15.02
N LEU B 165 -17.81 22.42 14.21
CA LEU B 165 -18.18 23.74 14.69
C LEU B 165 -19.65 23.79 15.09
N PRO B 166 -19.95 24.44 16.22
CA PRO B 166 -21.36 24.54 16.64
C PRO B 166 -22.06 25.50 15.66
N LEU B 167 -23.38 25.42 15.57
CA LEU B 167 -24.12 26.28 14.66
C LEU B 167 -23.88 27.78 14.87
N SER B 168 -23.77 28.19 16.13
CA SER B 168 -23.57 29.61 16.44
C SER B 168 -22.27 30.24 15.90
N LEU B 169 -21.39 29.45 15.30
CA LEU B 169 -20.15 29.99 14.77
C LEU B 169 -20.16 30.03 13.25
N MET B 170 -21.23 29.53 12.64
CA MET B 170 -21.34 29.52 11.20
C MET B 170 -22.45 30.52 10.82
N PRO B 171 -22.60 30.79 9.51
CA PRO B 171 -23.63 31.74 9.08
C PRO B 171 -24.99 31.45 9.70
N PRO B 172 -25.55 32.41 10.44
CA PRO B 172 -26.86 32.12 11.02
C PRO B 172 -27.82 32.02 9.83
N ASN B 173 -28.89 31.27 10.00
CA ASN B 173 -29.86 31.08 8.91
C ASN B 173 -29.27 30.24 7.77
N MET B 174 -28.07 29.70 7.98
CA MET B 174 -27.43 28.88 6.96
C MET B 174 -28.37 27.76 6.50
N LEU B 175 -29.14 27.20 7.43
CA LEU B 175 -30.07 26.13 7.08
C LEU B 175 -31.11 26.58 6.05
N ASP B 176 -31.14 27.87 5.74
CA ASP B 176 -32.09 28.36 4.74
C ASP B 176 -31.56 28.01 3.37
N THR B 177 -30.26 27.74 3.29
CA THR B 177 -29.63 27.41 2.02
C THR B 177 -29.07 25.99 1.93
N VAL B 178 -28.38 25.55 2.98
CA VAL B 178 -27.75 24.24 2.99
C VAL B 178 -28.51 23.17 3.76
N LYS B 179 -28.17 21.92 3.50
CA LYS B 179 -28.77 20.80 4.22
C LYS B 179 -27.68 20.31 5.17
N MET B 180 -28.07 19.93 6.37
CA MET B 180 -27.12 19.44 7.34
C MET B 180 -27.60 18.18 8.03
N VAL B 181 -26.67 17.26 8.24
CA VAL B 181 -26.96 16.04 8.98
C VAL B 181 -26.08 16.21 10.22
N TYR B 182 -26.70 16.29 11.38
CA TYR B 182 -25.97 16.47 12.62
C TYR B 182 -25.98 15.21 13.46
N LEU B 183 -24.80 14.73 13.83
CA LEU B 183 -24.73 13.53 14.65
C LEU B 183 -24.45 13.83 16.12
N ALA B 184 -25.18 13.13 16.98
CA ALA B 184 -25.02 13.25 18.42
C ALA B 184 -24.84 11.83 18.96
N ARG B 185 -24.04 11.71 20.01
CA ARG B 185 -23.73 10.42 20.63
C ARG B 185 -23.65 10.61 22.16
N ASP B 186 -23.85 9.53 22.91
CA ASP B 186 -23.76 9.60 24.37
C ASP B 186 -22.41 10.26 24.69
N PRO B 187 -22.43 11.37 25.42
CA PRO B 187 -21.19 12.07 25.76
C PRO B 187 -20.13 11.19 26.44
N ARG B 188 -20.57 10.26 27.26
CA ARG B 188 -19.63 9.38 27.94
C ARG B 188 -18.84 8.54 26.93
N ASP B 189 -19.51 8.02 25.92
CA ASP B 189 -18.80 7.24 24.90
C ASP B 189 -17.97 8.18 24.03
N VAL B 190 -18.48 9.40 23.83
CA VAL B 190 -17.78 10.39 23.04
C VAL B 190 -16.44 10.70 23.73
N ALA B 191 -16.50 10.81 25.07
CA ALA B 191 -15.33 11.08 25.89
C ALA B 191 -14.26 9.99 25.70
N VAL B 192 -14.66 8.73 25.81
CA VAL B 192 -13.71 7.64 25.64
C VAL B 192 -13.11 7.65 24.24
N SER B 193 -13.95 7.86 23.23
CA SER B 193 -13.45 7.90 21.85
C SER B 193 -12.50 9.11 21.64
N SER B 194 -12.85 10.26 22.22
CA SER B 194 -12.00 11.45 22.08
C SER B 194 -10.66 11.27 22.77
N PHE B 195 -10.68 10.53 23.87
CA PHE B 195 -9.46 10.27 24.63
C PHE B 195 -8.50 9.51 23.72
N HIS B 196 -8.98 8.42 23.12
CA HIS B 196 -8.16 7.59 22.25
C HIS B 196 -7.73 8.37 21.01
N HIS B 197 -8.64 9.16 20.46
CA HIS B 197 -8.35 9.99 19.29
C HIS B 197 -7.17 10.91 19.66
N ALA B 198 -7.26 11.50 20.85
CA ALA B 198 -6.21 12.40 21.35
C ALA B 198 -4.89 11.64 21.49
N ARG B 199 -4.97 10.36 21.84
CA ARG B 199 -3.79 9.52 21.96
C ARG B 199 -3.25 9.19 20.58
N LEU B 200 -4.17 8.98 19.64
CA LEU B 200 -3.84 8.64 18.26
C LEU B 200 -2.93 9.65 17.57
N LEU B 201 -3.22 10.93 17.79
CA LEU B 201 -2.47 12.01 17.16
C LEU B 201 -1.45 12.69 18.06
N TYR B 202 -1.23 12.12 19.25
CA TYR B 202 -0.28 12.68 20.19
C TYR B 202 -0.64 14.10 20.63
N LEU B 203 -1.89 14.30 21.01
CA LEU B 203 -2.35 15.60 21.46
C LEU B 203 -2.28 15.65 22.97
N LEU B 204 -2.55 14.50 23.57
CA LEU B 204 -2.59 14.33 25.02
C LEU B 204 -1.22 13.98 25.59
N ASN B 205 -0.94 14.43 26.82
CA ASN B 205 0.33 14.13 27.47
C ASN B 205 0.36 12.63 27.78
N LYS B 206 1.43 11.97 27.35
CA LYS B 206 1.58 10.53 27.57
C LYS B 206 1.40 10.09 29.02
N GLN B 207 1.59 11.03 29.95
CA GLN B 207 1.45 10.71 31.37
C GLN B 207 0.01 10.87 31.87
N SER B 208 -0.84 11.51 31.08
CA SER B 208 -2.23 11.69 31.48
C SER B 208 -3.03 10.42 31.22
N ASN B 209 -4.06 10.18 32.03
CA ASN B 209 -4.92 9.02 31.83
C ASN B 209 -6.35 9.47 31.51
N PHE B 210 -7.26 8.53 31.35
CA PHE B 210 -8.64 8.89 30.99
C PHE B 210 -9.40 9.75 32.01
N LYS B 211 -9.20 9.49 33.30
CA LYS B 211 -9.91 10.29 34.29
C LYS B 211 -9.52 11.75 34.09
N ASP B 212 -8.24 11.98 33.81
CA ASP B 212 -7.75 13.35 33.56
C ASP B 212 -8.53 13.93 32.37
N PHE B 213 -8.57 13.17 31.28
CA PHE B 213 -9.25 13.63 30.08
C PHE B 213 -10.72 13.90 30.36
N TRP B 214 -11.37 12.97 31.07
CA TRP B 214 -12.77 13.14 31.40
C TRP B 214 -13.01 14.39 32.25
N GLU B 215 -12.01 14.75 33.05
CA GLU B 215 -12.10 15.93 33.91
C GLU B 215 -12.22 17.18 33.05
N MET B 216 -11.36 17.27 32.04
CA MET B 216 -11.35 18.39 31.13
C MET B 216 -12.62 18.41 30.28
N PHE B 217 -13.01 17.23 29.82
CA PHE B 217 -14.17 17.08 28.96
C PHE B 217 -15.49 17.61 29.49
N HIS B 218 -15.99 17.02 30.58
CA HIS B 218 -17.28 17.45 31.13
C HIS B 218 -17.23 18.83 31.77
N ARG B 219 -16.03 19.39 31.89
CA ARG B 219 -15.88 20.73 32.48
C ARG B 219 -15.85 21.80 31.39
N GLY B 220 -15.94 21.36 30.14
CA GLY B 220 -15.93 22.31 29.03
C GLY B 220 -14.57 22.88 28.74
N LEU B 221 -13.53 22.08 28.99
CA LEU B 221 -12.18 22.54 28.73
C LEU B 221 -11.47 21.73 27.64
N TYR B 222 -12.26 21.09 26.78
CA TYR B 222 -11.69 20.34 25.66
C TYR B 222 -12.25 20.89 24.35
N THR B 223 -11.52 20.64 23.26
CA THR B 223 -11.87 21.10 21.93
C THR B 223 -13.37 21.12 21.57
N LEU B 224 -13.84 22.29 21.19
CA LEU B 224 -15.24 22.51 20.81
C LEU B 224 -16.31 22.20 21.86
N THR B 225 -15.92 22.14 23.13
CA THR B 225 -16.90 21.95 24.21
C THR B 225 -17.14 23.40 24.65
N PRO B 226 -18.13 23.66 25.54
CA PRO B 226 -19.10 22.80 26.22
C PRO B 226 -19.86 21.84 25.31
N TYR B 227 -19.78 20.56 25.65
CA TYR B 227 -20.45 19.52 24.87
C TYR B 227 -21.95 19.73 24.72
N PHE B 228 -22.66 19.92 25.81
CA PHE B 228 -24.11 20.07 25.71
C PHE B 228 -24.63 21.30 24.96
N GLU B 229 -23.89 22.41 25.02
CA GLU B 229 -24.31 23.59 24.31
C GLU B 229 -24.26 23.29 22.82
N HIS B 230 -23.23 22.53 22.43
CA HIS B 230 -23.01 22.15 21.05
C HIS B 230 -24.22 21.36 20.54
N VAL B 231 -24.55 20.27 21.21
CA VAL B 231 -25.70 19.46 20.83
C VAL B 231 -27.00 20.27 20.86
N LYS B 232 -27.19 21.06 21.93
CA LYS B 232 -28.42 21.84 22.06
C LYS B 232 -28.74 22.78 20.92
N GLU B 233 -27.72 23.42 20.35
CA GLU B 233 -27.96 24.32 19.23
C GLU B 233 -28.56 23.54 18.06
N ALA B 234 -27.99 22.38 17.76
CA ALA B 234 -28.49 21.55 16.66
C ALA B 234 -29.88 21.00 16.97
N TRP B 235 -30.07 20.58 18.21
CA TRP B 235 -31.34 20.02 18.64
C TRP B 235 -32.49 21.00 18.42
N ALA B 236 -32.21 22.28 18.67
CA ALA B 236 -33.20 23.33 18.52
C ALA B 236 -33.62 23.52 17.06
N LYS B 237 -32.76 23.15 16.13
CA LYS B 237 -33.06 23.29 14.71
C LYS B 237 -33.52 21.96 14.11
N ARG B 238 -33.87 21.03 15.00
CA ARG B 238 -34.32 19.69 14.63
C ARG B 238 -35.53 19.57 13.68
N HIS B 239 -36.53 20.42 13.85
CA HIS B 239 -37.72 20.33 12.99
C HIS B 239 -37.60 21.12 11.70
N ASP B 240 -36.45 21.73 11.47
CA ASP B 240 -36.22 22.49 10.24
C ASP B 240 -36.10 21.46 9.11
N PRO B 241 -36.71 21.73 7.94
CA PRO B 241 -36.65 20.80 6.82
C PRO B 241 -35.26 20.48 6.32
N ASN B 242 -34.32 21.40 6.54
CA ASN B 242 -32.96 21.19 6.06
C ASN B 242 -31.97 20.68 7.10
N MET B 243 -32.49 20.25 8.24
CA MET B 243 -31.66 19.72 9.31
C MET B 243 -32.09 18.31 9.67
N LEU B 244 -31.14 17.38 9.71
CA LEU B 244 -31.44 15.99 10.09
C LEU B 244 -30.62 15.57 11.31
N PHE B 245 -31.23 15.65 12.49
CA PHE B 245 -30.59 15.29 13.75
C PHE B 245 -30.68 13.77 13.98
N LEU B 246 -29.52 13.12 14.06
CA LEU B 246 -29.46 11.68 14.26
C LEU B 246 -28.57 11.30 15.43
N PHE B 247 -28.83 10.13 16.01
CA PHE B 247 -28.03 9.65 17.12
C PHE B 247 -27.14 8.51 16.64
N TYR B 248 -25.88 8.56 17.04
CA TYR B 248 -24.92 7.53 16.65
C TYR B 248 -25.44 6.15 17.06
N GLU B 249 -26.05 6.07 18.24
CA GLU B 249 -26.59 4.81 18.75
C GLU B 249 -27.59 4.14 17.80
N ASP B 250 -28.37 4.95 17.08
CA ASP B 250 -29.36 4.39 16.15
C ASP B 250 -28.73 3.70 14.95
N TYR B 251 -27.50 4.09 14.61
CA TYR B 251 -26.78 3.47 13.50
C TYR B 251 -26.50 2.01 13.88
N LEU B 252 -26.32 1.77 15.18
CA LEU B 252 -26.05 0.42 15.67
C LEU B 252 -27.34 -0.39 15.82
N LYS B 253 -28.36 0.21 16.40
CA LYS B 253 -29.62 -0.49 16.59
C LYS B 253 -30.39 -0.73 15.29
N ASP B 254 -30.25 0.18 14.33
CA ASP B 254 -30.97 0.02 13.08
C ASP B 254 -30.36 0.79 11.92
N LEU B 255 -29.22 0.30 11.44
CA LEU B 255 -28.54 0.94 10.34
C LEU B 255 -29.48 1.13 9.15
N PRO B 256 -30.14 0.06 8.68
CA PRO B 256 -31.05 0.20 7.55
C PRO B 256 -32.03 1.35 7.74
N GLY B 257 -32.62 1.42 8.94
CA GLY B 257 -33.57 2.48 9.24
C GLY B 257 -33.00 3.88 9.15
N SER B 258 -31.76 4.05 9.61
CA SER B 258 -31.13 5.36 9.55
C SER B 258 -30.82 5.73 8.12
N ILE B 259 -30.39 4.75 7.34
CA ILE B 259 -30.09 5.04 5.95
C ILE B 259 -31.32 5.56 5.19
N ALA B 260 -32.48 4.96 5.43
CA ALA B 260 -33.71 5.42 4.77
C ALA B 260 -33.97 6.89 5.09
N ARG B 261 -33.86 7.23 6.37
CA ARG B 261 -34.09 8.61 6.80
C ARG B 261 -33.11 9.56 6.12
N ILE B 262 -31.86 9.16 5.99
CA ILE B 262 -30.84 10.01 5.37
C ILE B 262 -31.16 10.18 3.88
N ALA B 263 -31.49 9.07 3.23
CA ALA B 263 -31.84 9.10 1.81
C ALA B 263 -33.04 10.01 1.58
N ASP B 264 -34.09 9.86 2.37
CA ASP B 264 -35.29 10.68 2.22
C ASP B 264 -34.96 12.15 2.45
N PHE B 265 -34.17 12.40 3.48
CA PHE B 265 -33.77 13.76 3.82
C PHE B 265 -33.07 14.42 2.62
N LEU B 266 -32.35 13.61 1.85
CA LEU B 266 -31.61 14.11 0.70
C LEU B 266 -32.39 14.10 -0.62
N GLY B 267 -33.65 13.69 -0.57
CA GLY B 267 -34.48 13.64 -1.77
C GLY B 267 -34.19 12.46 -2.67
N LYS B 268 -33.99 11.30 -2.06
CA LYS B 268 -33.72 10.09 -2.82
C LYS B 268 -34.55 8.95 -2.26
N LYS B 269 -35.07 8.10 -3.13
CA LYS B 269 -35.84 6.96 -2.70
C LYS B 269 -35.03 5.74 -3.08
N LEU B 270 -34.56 5.02 -2.08
CA LEU B 270 -33.75 3.83 -2.33
C LEU B 270 -34.59 2.57 -2.23
N SER B 271 -34.15 1.52 -2.92
CA SER B 271 -34.83 0.25 -2.88
C SER B 271 -34.31 -0.50 -1.66
N GLU B 272 -35.14 -1.34 -1.06
CA GLU B 272 -34.74 -2.12 0.10
C GLU B 272 -33.37 -2.76 -0.17
N GLU B 273 -33.12 -3.09 -1.43
CA GLU B 273 -31.85 -3.71 -1.82
C GLU B 273 -30.72 -2.69 -1.75
N GLN B 274 -30.97 -1.48 -2.23
CA GLN B 274 -29.97 -0.43 -2.22
C GLN B 274 -29.57 -0.07 -0.79
N ILE B 275 -30.55 -0.03 0.10
CA ILE B 275 -30.32 0.28 1.49
C ILE B 275 -29.48 -0.84 2.10
N GLN B 276 -29.79 -2.08 1.70
CA GLN B 276 -29.05 -3.22 2.20
C GLN B 276 -27.60 -3.18 1.76
N ARG B 277 -27.39 -2.85 0.49
CA ARG B 277 -26.04 -2.77 -0.07
C ARG B 277 -25.24 -1.71 0.69
N LEU B 278 -25.90 -0.60 1.04
CA LEU B 278 -25.24 0.47 1.77
C LEU B 278 -24.87 0.06 3.19
N SER B 279 -25.82 -0.57 3.87
CA SER B 279 -25.57 -1.01 5.24
C SER B 279 -24.39 -1.98 5.30
N GLU B 280 -24.32 -2.90 4.35
CA GLU B 280 -23.22 -3.86 4.32
C GLU B 280 -21.91 -3.10 4.14
N HIS B 281 -21.95 -2.08 3.29
CA HIS B 281 -20.76 -1.28 3.03
C HIS B 281 -20.29 -0.59 4.30
N LEU B 282 -21.23 -0.30 5.21
CA LEU B 282 -20.89 0.34 6.47
C LEU B 282 -20.61 -0.62 7.62
N ASN B 283 -20.45 -1.89 7.31
CA ASN B 283 -20.13 -2.90 8.32
C ASN B 283 -18.81 -2.46 8.99
N PHE B 284 -18.80 -2.41 10.32
CA PHE B 284 -17.61 -1.96 11.05
C PHE B 284 -16.26 -2.54 10.62
N GLU B 285 -16.15 -3.86 10.57
CA GLU B 285 -14.89 -4.47 10.18
C GLU B 285 -14.47 -4.05 8.79
N LYS B 286 -15.42 -4.12 7.86
CA LYS B 286 -15.16 -3.75 6.48
C LYS B 286 -14.77 -2.26 6.37
N PHE B 287 -15.50 -1.42 7.08
CA PHE B 287 -15.24 0.03 7.07
C PHE B 287 -13.88 0.32 7.72
N LYS B 288 -13.62 -0.31 8.86
CA LYS B 288 -12.36 -0.14 9.59
C LYS B 288 -11.16 -0.51 8.72
N ASN B 289 -11.40 -1.35 7.72
CA ASN B 289 -10.33 -1.77 6.83
C ASN B 289 -10.42 -1.08 5.47
N ASN B 290 -11.32 -0.12 5.38
CA ASN B 290 -11.48 0.62 4.14
C ASN B 290 -10.41 1.71 4.08
N GLY B 291 -9.43 1.53 3.20
CA GLY B 291 -8.36 2.51 3.08
C GLY B 291 -8.78 3.93 2.73
N ALA B 292 -9.95 4.08 2.12
CA ALA B 292 -10.42 5.41 1.75
C ALA B 292 -10.92 6.25 2.94
N VAL B 293 -11.25 5.59 4.05
CA VAL B 293 -11.80 6.30 5.19
C VAL B 293 -11.10 6.09 6.54
N ASN B 294 -10.16 5.16 6.62
CA ASN B 294 -9.50 4.93 7.91
C ASN B 294 -8.26 5.78 8.15
N MET B 295 -7.86 6.54 7.14
CA MET B 295 -6.67 7.40 7.23
C MET B 295 -5.44 6.67 7.75
N GLU B 296 -5.28 5.41 7.35
CA GLU B 296 -4.13 4.64 7.78
C GLU B 296 -2.87 5.08 7.02
N ASP B 297 -3.06 5.76 5.90
CA ASP B 297 -1.93 6.23 5.12
C ASP B 297 -1.19 7.26 5.98
N TYR B 298 -1.88 7.80 6.98
CA TYR B 298 -1.25 8.76 7.88
C TYR B 298 -0.17 8.04 8.71
N ARG B 299 -0.38 6.75 8.95
CA ARG B 299 0.58 5.98 9.74
C ARG B 299 1.88 5.78 8.97
N GLU B 300 1.79 5.63 7.65
CA GLU B 300 2.96 5.45 6.81
C GLU B 300 3.74 6.79 6.79
N ILE B 301 3.01 7.89 6.94
CA ILE B 301 3.64 9.19 6.99
C ILE B 301 4.41 9.32 8.30
N GLY B 302 3.88 8.67 9.34
CA GLY B 302 4.54 8.68 10.63
C GLY B 302 3.95 9.54 11.74
N ILE B 303 2.68 9.93 11.64
CA ILE B 303 2.11 10.76 12.68
C ILE B 303 1.03 10.12 13.53
N LEU B 304 0.90 8.79 13.45
CA LEU B 304 -0.10 8.08 14.25
C LEU B 304 0.57 7.22 15.31
N ALA B 305 -0.03 7.17 16.50
CA ALA B 305 0.52 6.35 17.58
C ALA B 305 0.19 4.87 17.44
N ASP B 306 1.10 4.03 17.91
CA ASP B 306 0.93 2.57 17.87
C ASP B 306 -0.35 2.15 18.59
N GLY B 307 -1.04 1.16 18.02
CA GLY B 307 -2.26 0.68 18.67
C GLY B 307 -3.40 1.67 18.85
N GLU B 308 -3.59 2.54 17.87
CA GLU B 308 -4.67 3.51 17.91
C GLU B 308 -5.12 3.63 16.48
N HIS B 309 -6.42 3.78 16.27
CA HIS B 309 -6.93 3.90 14.92
C HIS B 309 -8.10 4.88 14.90
N PHE B 310 -8.37 5.47 13.74
CA PHE B 310 -9.50 6.40 13.64
C PHE B 310 -10.79 5.63 13.85
N ILE B 311 -10.89 4.47 13.22
CA ILE B 311 -12.05 3.60 13.36
C ILE B 311 -11.62 2.56 14.40
N ARG B 312 -12.11 2.72 15.62
CA ARG B 312 -11.71 1.87 16.75
C ARG B 312 -12.49 0.60 17.11
N LYS B 313 -13.47 0.75 17.99
CA LYS B 313 -14.29 -0.37 18.47
C LYS B 313 -15.69 -0.36 17.84
N GLY B 314 -16.23 0.83 17.60
CA GLY B 314 -17.54 0.95 16.99
C GLY B 314 -18.70 0.37 17.79
N LYS B 315 -18.64 0.53 19.11
CA LYS B 315 -19.66 0.01 20.01
C LYS B 315 -20.28 1.13 20.84
N ALA B 316 -21.41 0.82 21.47
CA ALA B 316 -22.12 1.77 22.32
C ALA B 316 -22.14 1.24 23.75
N GLY B 317 -22.00 2.14 24.73
CA GLY B 317 -22.02 1.74 26.12
C GLY B 317 -20.69 1.32 26.75
N CYS B 318 -19.64 1.22 25.95
CA CYS B 318 -18.33 0.80 26.46
C CYS B 318 -17.69 1.77 27.47
N TRP B 319 -18.35 2.89 27.74
CA TRP B 319 -17.81 3.84 28.71
C TRP B 319 -17.83 3.24 30.10
N ARG B 320 -18.68 2.23 30.31
CA ARG B 320 -18.77 1.59 31.62
C ARG B 320 -17.47 0.89 31.98
N ASP B 321 -16.65 0.61 30.98
CA ASP B 321 -15.38 -0.04 31.20
C ASP B 321 -14.28 0.97 31.53
N TYR B 322 -14.62 2.26 31.52
CA TYR B 322 -13.65 3.31 31.81
C TYR B 322 -14.00 4.21 32.99
N PHE B 323 -15.26 4.19 33.42
CA PHE B 323 -15.69 5.03 34.54
C PHE B 323 -15.76 4.26 35.86
N ASP B 324 -15.13 4.80 36.90
CA ASP B 324 -15.21 4.15 38.21
C ASP B 324 -16.46 4.69 38.90
N GLU B 325 -16.84 4.06 40.01
CA GLU B 325 -18.02 4.48 40.74
C GLU B 325 -18.21 5.99 40.85
N GLU B 326 -17.19 6.70 41.31
CA GLU B 326 -17.29 8.16 41.45
C GLU B 326 -17.56 8.85 40.12
N MET B 327 -16.71 8.59 39.13
CA MET B 327 -16.85 9.18 37.81
C MET B 327 -18.23 8.93 37.24
N THR B 328 -18.75 7.73 37.46
CA THR B 328 -20.06 7.34 36.97
C THR B 328 -21.15 8.25 37.51
N LYS B 329 -21.12 8.50 38.82
CA LYS B 329 -22.11 9.34 39.46
C LYS B 329 -21.95 10.78 39.00
N GLN B 330 -20.71 11.23 38.90
CA GLN B 330 -20.39 12.58 38.46
C GLN B 330 -20.93 12.84 37.06
N ALA B 331 -20.90 11.80 36.22
CA ALA B 331 -21.36 11.89 34.84
C ALA B 331 -22.88 11.88 34.80
N GLU B 332 -23.49 11.13 35.72
CA GLU B 332 -24.93 11.04 35.79
C GLU B 332 -25.49 12.39 36.19
N LYS B 333 -24.94 12.98 37.24
CA LYS B 333 -25.37 14.29 37.72
C LYS B 333 -25.24 15.32 36.60
N TRP B 334 -24.09 15.29 35.94
CA TRP B 334 -23.80 16.22 34.85
C TRP B 334 -24.81 16.13 33.70
N ILE B 335 -25.08 14.92 33.22
CA ILE B 335 -26.06 14.75 32.15
C ILE B 335 -27.42 15.22 32.68
N LYS B 336 -27.73 14.82 33.91
CA LYS B 336 -28.98 15.16 34.58
C LYS B 336 -29.20 16.67 34.51
N ASP B 337 -28.21 17.43 34.96
CA ASP B 337 -28.30 18.88 34.99
C ASP B 337 -28.49 19.53 33.61
N ASN B 338 -27.79 19.03 32.60
CA ASN B 338 -27.91 19.60 31.26
C ASN B 338 -29.15 19.18 30.47
N LEU B 339 -29.83 18.13 30.92
CA LEU B 339 -31.04 17.66 30.24
C LEU B 339 -32.29 18.15 30.97
N LYS B 340 -32.08 18.83 32.09
CA LYS B 340 -33.16 19.38 32.89
C LYS B 340 -33.79 20.55 32.10
N ASP B 341 -35.12 20.52 31.96
CA ASP B 341 -35.83 21.56 31.25
C ASP B 341 -35.49 21.66 29.76
N THR B 342 -35.52 20.50 29.09
CA THR B 342 -35.27 20.37 27.66
C THR B 342 -35.87 19.01 27.31
N ASP B 343 -36.25 18.82 26.06
CA ASP B 343 -36.83 17.56 25.66
C ASP B 343 -35.80 16.64 25.02
N LEU B 344 -34.54 17.08 25.03
CA LEU B 344 -33.45 16.29 24.49
C LEU B 344 -33.28 14.99 25.29
N ARG B 345 -33.22 13.86 24.61
CA ARG B 345 -33.07 12.58 25.27
C ARG B 345 -32.22 11.66 24.41
N TYR B 346 -31.34 10.87 25.04
CA TYR B 346 -30.52 9.95 24.28
C TYR B 346 -31.18 8.56 24.25
N PRO B 347 -31.15 7.91 23.08
CA PRO B 347 -31.74 6.59 22.85
C PRO B 347 -31.34 5.50 23.83
N ASN B 348 -30.04 5.38 24.07
CA ASN B 348 -29.52 4.35 24.97
C ASN B 348 -29.65 4.68 26.46
N MET B 349 -29.89 5.94 26.78
CA MET B 349 -30.02 6.34 28.19
C MET B 349 -31.38 5.97 28.77
CA CA C . -11.92 -18.56 -12.48
P1 A3P D . 15.10 -6.07 -21.76
O1P A3P D . 15.91 -4.94 -21.27
O2P A3P D . 14.85 -5.91 -23.19
O3P A3P D . 13.84 -6.20 -21.00
P2 A3P D . 16.38 -13.14 -19.41
O4P A3P D . 17.41 -13.51 -18.45
O5P A3P D . 16.46 -14.00 -20.60
O6P A3P D . 15.02 -13.22 -18.79
O5' A3P D . 16.63 -11.64 -19.85
C5' A3P D . 15.78 -10.97 -20.74
C4' A3P D . 16.47 -9.69 -21.23
O4' A3P D . 17.46 -10.06 -22.24
C3' A3P D . 15.53 -8.73 -21.91
O3' A3P D . 15.96 -7.38 -21.56
C2' A3P D . 15.66 -9.16 -23.38
O2' A3P D . 15.13 -8.32 -24.40
C1' A3P D . 17.15 -9.40 -23.46
N9 A3P D . 17.52 -10.25 -24.61
C8 A3P D . 16.99 -11.47 -25.02
N7 A3P D . 17.54 -11.97 -26.10
C5 A3P D . 18.51 -11.03 -26.44
C6 A3P D . 19.48 -10.93 -27.51
N6 A3P D . 19.63 -11.86 -28.47
N1 A3P D . 20.32 -9.80 -27.54
C2 A3P D . 20.21 -8.84 -26.58
N3 A3P D . 19.33 -8.82 -25.54
C4 A3P D . 18.51 -9.95 -25.52
P1 A3P E . -15.26 4.54 18.94
O1P A3P E . -14.05 5.28 19.37
O2P A3P E . -14.89 3.26 18.35
O3P A3P E . -16.17 4.33 20.09
P2 A3P E . -16.25 10.26 14.11
O4P A3P E . -14.94 10.88 14.50
O5P A3P E . -17.34 11.23 14.22
O6P A3P E . -16.17 9.71 12.75
O5' A3P E . -16.55 9.11 15.13
C5' A3P E . -15.69 8.00 15.30
C4' A3P E . -16.42 6.89 16.05
O4' A3P E . -17.31 6.19 15.09
C3' A3P E . -15.49 5.83 16.60
O3' A3P E . -16.04 5.39 17.87
C2' A3P E . -15.47 4.81 15.45
O2' A3P E . -14.92 3.52 15.68
C1' A3P E . -16.94 4.82 15.04
N9 A3P E . -17.16 4.28 13.69
C8 A3P E . -16.51 4.60 12.50
N7 A3P E . -16.94 3.93 11.45
C5 A3P E . -17.94 3.12 11.97
C6 A3P E . -18.83 2.12 11.40
N6 A3P E . -18.84 1.78 10.10
N1 A3P E . -19.74 1.49 12.25
C2 A3P E . -19.78 1.79 13.58
N3 A3P E . -18.99 2.70 14.23
C4 A3P E . -18.10 3.33 13.37
C1 AOI F . 1.52 -17.20 -15.21
C2 AOI F . 0.18 -17.13 -14.42
C3 AOI F . -0.90 -18.01 -15.07
O3 AOI F . -1.28 -17.35 -16.31
C4 AOI F . -0.43 -19.42 -15.33
C5 AOI F . 0.91 -19.49 -16.11
C6 AOI F . 1.37 -20.97 -16.36
C7 AOI F . 2.67 -21.00 -17.14
C8 AOI F . 3.82 -20.22 -16.45
C9 AOI F . 3.38 -18.73 -16.23
C10 AOI F . 2.04 -18.67 -15.37
C11 AOI F . 4.55 -17.94 -15.56
C12 AOI F . 5.88 -18.00 -16.38
C13 AOI F . 6.31 -19.46 -16.62
C14 AOI F . 5.12 -20.24 -17.28
C15 AOI F . 5.79 -21.57 -17.67
C16 AOI F . 7.07 -21.07 -18.34
C17 AOI F . 7.38 -19.72 -17.68
O17 AOI F . 8.30 -19.01 -17.98
C18 AOI F . 6.83 -20.11 -15.29
C19 AOI F . 2.32 -19.24 -13.93
CA CA G . 11.70 20.00 15.84
C1 AOI H . -1.56 16.48 14.34
C2 AOI H . -0.30 17.15 14.95
C3 AOI H . 0.89 17.11 13.97
O3 AOI H . 1.36 15.73 13.92
C4 AOI H . 0.53 17.62 12.58
C5 AOI H . -0.73 16.95 11.99
C6 AOI H . -1.08 17.52 10.58
C7 AOI H . -2.30 16.85 10.00
C8 AOI H . -3.55 16.98 10.92
C9 AOI H . -3.23 16.38 12.33
C10 AOI H . -1.97 17.12 12.96
C11 AOI H . -4.50 16.49 13.23
C12 AOI H . -5.75 15.77 12.62
C13 AOI H . -6.06 16.34 11.22
C14 AOI H . -4.78 16.23 10.33
C15 AOI H . -5.34 16.60 8.94
C16 AOI H . -6.58 15.72 8.90
C17 AOI H . -7.02 15.53 10.36
O17 AOI H . -7.97 14.87 10.71
C18 AOI H . -6.65 17.79 11.33
C19 AOI H . -2.32 18.63 13.23
#